data_8TFH
#
_entry.id   8TFH
#
_cell.length_a   139.358
_cell.length_b   139.358
_cell.length_c   444.613
_cell.angle_alpha   90.00
_cell.angle_beta   90.00
_cell.angle_gamma   90.00
#
_symmetry.space_group_name_H-M   'I 41 2 2'
#
loop_
_entity.id
_entity.type
_entity.pdbx_description
1 polymer 'Ricin A chain'
2 polymer 'Ricin B chain'
3 polymer 'JB4 monoclonal antibody heavy chain'
4 polymer 'JB4 monoclonal antibody light chain'
5 branched alpha-L-fucopyranose-(1-3)-[2-acetamido-2-deoxy-beta-D-glucopyranose-(1-4)]2-acetamido-2-deoxy-beta-D-glucopyranose
6 branched beta-D-mannopyranose-(1-4)-2-acetamido-2-deoxy-beta-D-glucopyranose-(1-4)-2-acetamido-2-deoxy-beta-D-glucopyranose
7 non-polymer 1,2-ETHANEDIOL
8 non-polymer 'CHLORIDE ION'
9 non-polymer 'SULFATE ION'
10 water water
#
loop_
_entity_poly.entity_id
_entity_poly.type
_entity_poly.pdbx_seq_one_letter_code
_entity_poly.pdbx_strand_id
1 'polypeptide(L)'
;KQYPIINFTTAGATVQSYTNFIRAVRGRLTTGADVRHEIPVLPNRVGLPINQRFILVELSNHAELSVTLALDVTNAYVVG
YRAGNSAYFFHPDNQEDAEAITHLFTDVQNRYTFAFGGNYDRLEQLAGNLRENIELGNGPLEEAISALYYYSTGGTQLPT
LARSFIICIQMISEAARFQYIEGEMRTRIRYNRRSAPDPSVITLENSWGRLSTAIQESNQGAFASPIQLQRRNGSKFSVY
DVSILIPIIALMVYRCAPPP
;
A
2 'polypeptide(L)'
;ADVCMDPEPIVRIVGRNGLCVDVRDGRFHNGNAIQLWPCKSNTDANQLWTLKRDNTIRSNGKCLTTYGYSPGVYVMIYDC
NTAATDATRWQIWDNGTIINPRSSLVLAATSGNSGTTLTVQTNIYAVSQGWLPTNNTQPFVTTIVGLYGLCLQANSGQVW
IEDCSSEKAEQQWALYADGSIRPQQNRDNCLTSDSNIRETVVKILSCGPASSGQRWMFKNDGTILNLYSGLVLDVRASDP
SLKQIILYPLHGDPNQIWLPLF
;
B
3 'polypeptide(L)'
;EVQLQQSGAELMNPGASVKISCKTSGYTFSRYWIEWIIQRPGHGLEWIGEILPGNGNTNYNEKFRGKATFTADSSSNTVY
MQLSSLTSEDSAVYYCARPRDYGFDQAWFAYWGQGTLVTVSAAKTTPPSVYPLAPGSAAQTNSMVTLGCLVKGYFPEPVT
VTWNSGSLSSGVHTFPAVLQSDLYTLSSSVTVPSSPRPSETVTCNVAHPASSTKVDKKIVPRD
;
H
4 'polypeptide(L)'
;DIVMTQSPSSLSASLGGKVTITCKASQDIKKYIAWFQHRPGKGPRLLIHYTSTLQPGIPSRFSGNGSGRDYSFSISNLEP
EDIATYYCLQYDNLYTFGGGTKLEIKRADAAPTVSIFPPSSEQLTSGGASVVCFLNNFYPKDINVKWKIDGSERQNGVLN
SWTDQDSKDSTYSMSSTLTLTKDEYERHNSYTCEATHKTSTSPIVKSFNR
;
L
#
# COMPACT_ATOMS: atom_id res chain seq x y z
N LYS A 1 14.27 14.13 -42.50
CA LYS A 1 13.81 14.76 -41.26
C LYS A 1 14.58 16.05 -40.98
N GLN A 2 14.04 16.88 -40.09
CA GLN A 2 14.69 18.11 -39.66
C GLN A 2 14.50 18.28 -38.16
N TYR A 3 15.45 18.99 -37.54
CA TYR A 3 15.47 19.17 -36.10
C TYR A 3 14.44 20.18 -35.64
N PRO A 4 14.05 20.14 -34.36
CA PRO A 4 13.12 21.15 -33.84
C PRO A 4 13.80 22.50 -33.67
N ILE A 5 13.13 23.56 -34.13
CA ILE A 5 13.64 24.93 -34.05
C ILE A 5 12.78 25.69 -33.06
N ILE A 6 13.42 26.39 -32.13
CA ILE A 6 12.74 27.26 -31.18
C ILE A 6 13.28 28.67 -31.37
N ASN A 7 12.40 29.60 -31.72
CA ASN A 7 12.80 30.95 -32.10
C ASN A 7 12.67 31.91 -30.91
N PHE A 8 13.34 33.05 -31.04
CA PHE A 8 13.31 34.10 -30.03
C PHE A 8 13.96 35.34 -30.61
N THR A 9 13.44 36.50 -30.24
CA THR A 9 14.02 37.78 -30.62
C THR A 9 14.19 38.65 -29.39
N THR A 10 15.20 39.52 -29.44
CA THR A 10 15.52 40.41 -28.34
C THR A 10 15.09 41.85 -28.61
N ALA A 11 14.25 42.07 -29.62
CA ALA A 11 13.74 43.41 -29.92
C ALA A 11 12.47 43.71 -29.15
N GLY A 12 11.44 42.88 -29.32
CA GLY A 12 10.24 42.99 -28.52
C GLY A 12 10.38 42.17 -27.25
N ALA A 13 11.54 42.28 -26.61
CA ALA A 13 11.86 41.43 -25.46
C ALA A 13 10.96 41.78 -24.28
N THR A 14 10.02 40.90 -23.99
CA THR A 14 9.18 40.97 -22.81
C THR A 14 9.42 39.74 -21.95
N VAL A 15 9.24 39.90 -20.64
CA VAL A 15 9.47 38.79 -19.72
C VAL A 15 8.56 37.60 -20.05
N GLN A 16 7.45 37.85 -20.72
CA GLN A 16 6.57 36.76 -21.15
C GLN A 16 7.13 36.03 -22.36
N SER A 17 7.80 36.74 -23.28
CA SER A 17 8.40 36.06 -24.42
C SER A 17 9.65 35.30 -24.01
N TYR A 18 10.42 35.82 -23.06
CA TYR A 18 11.58 35.08 -22.56
C TYR A 18 11.15 33.85 -21.79
N THR A 19 10.12 33.97 -20.95
CA THR A 19 9.62 32.83 -20.22
C THR A 19 9.04 31.77 -21.15
N ASN A 20 8.30 32.20 -22.18
CA ASN A 20 7.76 31.27 -23.15
C ASN A 20 8.86 30.62 -23.97
N PHE A 21 9.93 31.35 -24.28
CA PHE A 21 11.01 30.80 -25.08
C PHE A 21 11.73 29.67 -24.34
N ILE A 22 12.11 29.93 -23.08
CA ILE A 22 12.79 28.90 -22.30
C ILE A 22 11.88 27.71 -22.06
N ARG A 23 10.56 27.94 -22.00
CA ARG A 23 9.62 26.84 -21.83
C ARG A 23 9.60 25.95 -23.07
N ALA A 24 9.43 26.54 -24.25
CA ALA A 24 9.40 25.75 -25.48
C ALA A 24 10.74 25.10 -25.75
N VAL A 25 11.84 25.72 -25.30
CA VAL A 25 13.15 25.10 -25.37
C VAL A 25 13.20 23.87 -24.46
N ARG A 26 12.59 23.96 -23.28
CA ARG A 26 12.53 22.82 -22.38
C ARG A 26 11.73 21.67 -23.00
N GLY A 27 10.66 21.99 -23.73
CA GLY A 27 9.78 20.97 -24.28
C GLY A 27 10.43 20.07 -25.30
N ARG A 28 11.59 20.45 -25.82
CA ARG A 28 12.32 19.60 -26.76
C ARG A 28 13.55 18.96 -26.17
N LEU A 29 14.13 19.54 -25.11
CA LEU A 29 15.34 18.98 -24.51
C LEU A 29 15.07 17.66 -23.81
N THR A 30 13.89 17.48 -23.25
CA THR A 30 13.53 16.26 -22.54
C THR A 30 12.22 15.71 -23.08
N THR A 31 12.13 14.39 -23.12
CA THR A 31 10.84 13.74 -23.32
C THR A 31 9.88 14.07 -22.20
N GLY A 32 10.38 14.50 -21.05
CA GLY A 32 9.58 14.67 -19.85
C GLY A 32 9.25 13.37 -19.15
N ALA A 33 9.54 12.22 -19.77
CA ALA A 33 9.23 10.94 -19.15
C ALA A 33 10.15 10.67 -17.97
N ASP A 34 11.45 10.71 -18.19
CA ASP A 34 12.41 10.45 -17.12
C ASP A 34 12.42 11.66 -16.20
N VAL A 35 11.78 11.52 -15.03
CA VAL A 35 11.72 12.56 -14.01
C VAL A 35 12.08 11.92 -12.68
N ARG A 36 13.01 12.54 -11.95
CA ARG A 36 13.47 12.03 -10.66
C ARG A 36 13.31 13.11 -9.61
N HIS A 37 12.59 12.77 -8.54
CA HIS A 37 12.29 13.72 -7.45
C HIS A 37 11.67 15.00 -8.00
N GLU A 38 10.81 14.83 -9.01
CA GLU A 38 10.10 15.90 -9.69
C GLU A 38 11.01 16.83 -10.48
N ILE A 39 12.25 16.43 -10.73
CA ILE A 39 13.18 17.20 -11.55
C ILE A 39 13.45 16.41 -12.83
N PRO A 40 13.03 16.89 -13.99
CA PRO A 40 13.22 16.13 -15.23
C PRO A 40 14.69 15.98 -15.60
N VAL A 41 15.01 14.83 -16.20
CA VAL A 41 16.35 14.56 -16.70
C VAL A 41 16.31 14.41 -18.20
N LEU A 42 17.44 14.69 -18.83
CA LEU A 42 17.66 14.64 -20.27
C LEU A 42 17.99 13.23 -20.72
N PRO A 43 17.85 12.94 -22.02
CA PRO A 43 17.99 11.55 -22.49
C PRO A 43 19.38 10.94 -22.33
N ASN A 44 19.53 9.71 -22.81
CA ASN A 44 20.58 8.81 -22.33
C ASN A 44 21.97 9.19 -22.82
N ARG A 45 22.08 9.78 -24.02
CA ARG A 45 23.32 9.93 -24.78
C ARG A 45 23.83 8.59 -25.28
N VAL A 46 23.16 7.49 -24.94
CA VAL A 46 23.43 6.17 -25.49
C VAL A 46 22.14 5.66 -26.10
N GLY A 47 22.20 5.27 -27.38
CA GLY A 47 21.01 4.82 -28.07
C GLY A 47 20.09 5.92 -28.55
N LEU A 48 20.54 7.17 -28.54
CA LEU A 48 19.81 8.24 -29.19
C LEU A 48 20.27 8.31 -30.65
N PRO A 49 19.45 7.88 -31.60
CA PRO A 49 19.85 8.00 -33.02
C PRO A 49 20.04 9.46 -33.38
N ILE A 50 20.80 9.69 -34.44
CA ILE A 50 21.26 11.03 -34.82
C ILE A 50 20.11 12.01 -34.96
N ASN A 51 18.90 11.51 -35.21
CA ASN A 51 17.72 12.34 -35.40
C ASN A 51 17.00 12.66 -34.10
N GLN A 52 17.56 12.28 -32.96
CA GLN A 52 17.00 12.65 -31.66
C GLN A 52 17.98 13.43 -30.79
N ARG A 53 19.15 13.81 -31.32
CA ARG A 53 20.28 14.22 -30.50
C ARG A 53 20.36 15.73 -30.28
N PHE A 54 19.75 16.54 -31.15
CA PHE A 54 19.96 17.99 -31.10
C PHE A 54 18.66 18.74 -31.31
N ILE A 55 18.64 20.00 -30.86
CA ILE A 55 17.59 20.96 -31.14
C ILE A 55 18.24 22.27 -31.59
N LEU A 56 17.43 23.14 -32.16
CA LEU A 56 17.90 24.39 -32.75
C LEU A 56 17.20 25.58 -32.10
N VAL A 57 17.97 26.63 -31.83
CA VAL A 57 17.45 27.88 -31.27
C VAL A 57 17.91 29.02 -32.16
N GLU A 58 16.94 29.73 -32.75
CA GLU A 58 17.22 30.79 -33.73
C GLU A 58 17.04 32.15 -33.07
N LEU A 59 18.00 33.04 -33.30
CA LEU A 59 18.04 34.34 -32.63
C LEU A 59 17.96 35.47 -33.66
N SER A 60 17.52 36.63 -33.18
CA SER A 60 17.44 37.85 -34.00
C SER A 60 17.39 39.03 -33.05
N ASN A 61 18.15 40.10 -33.35
CA ASN A 61 18.41 41.10 -32.31
C ASN A 61 17.24 42.06 -32.09
N HIS A 62 16.91 42.92 -33.08
CA HIS A 62 17.33 43.36 -34.41
C HIS A 62 18.66 44.11 -34.33
N ALA A 63 19.42 44.21 -35.44
CA ALA A 63 19.10 44.08 -36.86
C ALA A 63 18.71 42.70 -37.37
N GLU A 64 18.44 42.65 -38.67
CA GLU A 64 17.97 41.45 -39.37
C GLU A 64 18.85 40.22 -39.12
N LEU A 65 20.05 40.43 -38.57
CA LEU A 65 21.00 39.33 -38.35
C LEU A 65 20.34 38.19 -37.59
N SER A 66 20.37 37.01 -38.20
CA SER A 66 19.83 35.80 -37.58
C SER A 66 20.96 34.83 -37.28
N VAL A 67 20.81 34.11 -36.17
CA VAL A 67 21.80 33.13 -35.73
C VAL A 67 21.07 31.94 -35.13
N THR A 68 21.41 30.74 -35.58
CA THR A 68 20.78 29.51 -35.13
C THR A 68 21.77 28.71 -34.31
N LEU A 69 21.45 28.50 -33.04
CA LEU A 69 22.32 27.75 -32.14
C LEU A 69 21.99 26.26 -32.20
N ALA A 70 22.91 25.44 -31.66
CA ALA A 70 22.77 24.00 -31.66
C ALA A 70 23.02 23.48 -30.26
N LEU A 71 22.09 22.66 -29.75
CA LEU A 71 22.10 22.21 -28.36
C LEU A 71 22.18 20.69 -28.32
N ASP A 72 23.18 20.16 -27.61
CA ASP A 72 23.27 18.73 -27.36
C ASP A 72 22.19 18.37 -26.34
N VAL A 73 21.14 17.71 -26.82
CA VAL A 73 19.98 17.38 -25.98
C VAL A 73 20.40 16.61 -24.74
N THR A 74 21.45 15.80 -24.84
CA THR A 74 21.91 14.99 -23.71
C THR A 74 22.31 15.85 -22.52
N ASN A 75 22.77 17.08 -22.77
CA ASN A 75 23.12 17.99 -21.68
C ASN A 75 22.69 19.43 -21.91
N ALA A 76 21.98 19.73 -23.00
CA ALA A 76 21.41 21.06 -23.26
C ALA A 76 22.48 22.15 -23.33
N TYR A 77 23.68 21.81 -23.80
CA TYR A 77 24.76 22.77 -23.94
C TYR A 77 24.90 23.20 -25.40
N VAL A 78 25.26 24.47 -25.60
CA VAL A 78 25.44 24.99 -26.94
C VAL A 78 26.70 24.39 -27.55
N VAL A 79 26.57 23.82 -28.74
CA VAL A 79 27.69 23.17 -29.41
C VAL A 79 28.13 23.90 -30.68
N GLY A 80 27.31 24.78 -31.23
CA GLY A 80 27.69 25.49 -32.43
C GLY A 80 26.59 26.43 -32.88
N TYR A 81 26.88 27.16 -33.96
CA TYR A 81 25.94 28.13 -34.49
C TYR A 81 26.18 28.30 -35.99
N ARG A 82 25.41 29.19 -36.60
CA ARG A 82 25.43 29.40 -38.05
C ARG A 82 25.25 30.88 -38.34
N ALA A 83 25.90 31.34 -39.41
CA ALA A 83 25.81 32.74 -39.83
C ALA A 83 25.68 32.83 -41.35
N GLY A 84 24.82 31.99 -41.92
CA GLY A 84 24.61 31.99 -43.36
C GLY A 84 25.37 30.89 -44.07
N ASN A 85 26.46 31.25 -44.75
CA ASN A 85 27.26 30.24 -45.44
C ASN A 85 28.12 29.44 -44.47
N SER A 86 28.54 30.03 -43.36
CA SER A 86 29.47 29.41 -42.44
C SER A 86 28.74 28.77 -41.27
N ALA A 87 29.45 27.89 -40.57
CA ALA A 87 28.99 27.28 -39.33
C ALA A 87 30.20 26.83 -38.55
N TYR A 88 30.12 26.95 -37.24
CA TYR A 88 31.27 26.67 -36.37
C TYR A 88 30.83 25.77 -35.23
N PHE A 89 31.76 24.93 -34.78
CA PHE A 89 31.48 23.94 -33.74
C PHE A 89 32.68 23.84 -32.81
N PHE A 90 32.39 23.65 -31.52
CA PHE A 90 33.44 23.50 -30.54
C PHE A 90 34.20 22.20 -30.76
N HIS A 91 35.37 22.11 -30.15
CA HIS A 91 36.19 20.91 -30.26
C HIS A 91 35.51 19.76 -29.54
N PRO A 92 35.15 18.68 -30.24
CA PRO A 92 34.49 17.55 -29.56
C PRO A 92 35.49 16.74 -28.75
N ASP A 93 35.05 16.34 -27.56
CA ASP A 93 35.94 15.63 -26.65
C ASP A 93 36.28 14.23 -27.14
N ASN A 94 35.34 13.58 -27.85
CA ASN A 94 35.56 12.22 -28.30
C ASN A 94 34.77 11.99 -29.59
N GLN A 95 35.04 10.87 -30.23
CA GLN A 95 34.28 10.49 -31.42
C GLN A 95 32.85 10.11 -31.01
N GLU A 96 31.96 10.10 -32.01
CA GLU A 96 30.51 10.00 -31.86
C GLU A 96 29.94 11.32 -31.35
N ASP A 97 30.83 12.22 -30.94
CA ASP A 97 30.54 13.64 -30.86
C ASP A 97 31.14 14.41 -32.02
N ALA A 98 32.16 13.83 -32.67
CA ALA A 98 32.77 14.45 -33.84
C ALA A 98 32.03 14.14 -35.12
N GLU A 99 31.35 12.98 -35.20
CA GLU A 99 30.56 12.65 -36.37
C GLU A 99 29.07 12.89 -36.20
N ALA A 100 28.59 13.02 -34.96
CA ALA A 100 27.23 13.51 -34.74
C ALA A 100 27.14 15.01 -35.00
N ILE A 101 28.20 15.74 -34.65
CA ILE A 101 28.25 17.18 -34.95
C ILE A 101 28.30 17.43 -36.44
N THR A 102 28.69 16.42 -37.24
CA THR A 102 28.67 16.57 -38.68
C THR A 102 27.25 16.78 -39.20
N HIS A 103 26.26 16.19 -38.53
CA HIS A 103 24.88 16.21 -38.97
C HIS A 103 24.11 17.44 -38.48
N LEU A 104 24.80 18.46 -37.98
CA LEU A 104 24.07 19.63 -37.48
C LEU A 104 23.68 20.57 -38.62
N PHE A 105 24.68 21.23 -39.22
CA PHE A 105 24.47 22.16 -40.32
C PHE A 105 24.93 21.48 -41.61
N THR A 106 24.11 20.57 -42.11
CA THR A 106 24.35 19.95 -43.40
C THR A 106 24.21 20.96 -44.54
N ASP A 107 23.46 22.03 -44.33
CA ASP A 107 23.04 22.95 -45.38
C ASP A 107 24.01 24.10 -45.60
N VAL A 108 25.15 24.12 -44.91
CA VAL A 108 26.07 25.25 -45.04
C VAL A 108 26.86 25.13 -46.34
N GLN A 109 27.41 26.26 -46.79
CA GLN A 109 28.46 26.22 -47.80
C GLN A 109 29.56 25.28 -47.35
N ASN A 110 30.02 25.44 -46.11
CA ASN A 110 30.98 24.57 -45.44
C ASN A 110 31.09 25.01 -43.99
N ARG A 111 31.58 24.09 -43.15
CA ARG A 111 31.64 24.30 -41.71
C ARG A 111 33.07 24.13 -41.19
N TYR A 112 33.37 24.81 -40.10
CA TYR A 112 34.70 24.82 -39.51
C TYR A 112 34.62 24.42 -38.04
N THR A 113 35.71 23.83 -37.54
CA THR A 113 35.77 23.32 -36.18
C THR A 113 36.86 24.04 -35.40
N PHE A 114 36.54 24.46 -34.18
CA PHE A 114 37.50 25.17 -33.34
C PHE A 114 38.57 24.20 -32.84
N ALA A 115 39.51 24.74 -32.06
CA ALA A 115 40.51 23.96 -31.36
C ALA A 115 40.32 23.97 -29.85
N PHE A 116 39.24 24.58 -29.36
CA PHE A 116 38.99 24.75 -27.93
C PHE A 116 37.59 24.24 -27.60
N GLY A 117 37.35 24.05 -26.31
CA GLY A 117 36.05 23.58 -25.86
C GLY A 117 35.12 24.72 -25.47
N GLY A 118 33.87 24.34 -25.19
CA GLY A 118 32.87 25.28 -24.72
C GLY A 118 32.88 25.53 -23.23
N ASN A 119 33.68 24.79 -22.49
CA ASN A 119 33.76 24.96 -21.05
C ASN A 119 34.16 26.39 -20.71
N TYR A 120 33.61 26.90 -19.60
CA TYR A 120 33.78 28.30 -19.27
C TYR A 120 35.24 28.69 -19.10
N ASP A 121 36.09 27.74 -18.67
CA ASP A 121 37.49 28.04 -18.43
C ASP A 121 38.21 28.41 -19.73
N ARG A 122 38.20 27.51 -20.70
CA ARG A 122 38.78 27.83 -22.01
C ARG A 122 38.01 28.94 -22.70
N LEU A 123 36.79 29.23 -22.25
CA LEU A 123 35.99 30.32 -22.81
C LEU A 123 36.29 31.65 -22.13
N GLU A 124 36.52 31.63 -20.82
CA GLU A 124 36.97 32.84 -20.13
C GLU A 124 38.40 33.20 -20.52
N GLN A 125 39.27 32.19 -20.62
CA GLN A 125 40.65 32.42 -21.04
C GLN A 125 40.70 33.14 -22.38
N LEU A 126 39.86 32.72 -23.32
CA LEU A 126 39.80 33.36 -24.63
C LEU A 126 39.07 34.70 -24.60
N ALA A 127 38.30 34.96 -23.54
CA ALA A 127 37.51 36.18 -23.44
C ALA A 127 38.22 37.29 -22.66
N GLY A 128 39.29 36.97 -21.95
CA GLY A 128 40.01 37.96 -21.16
C GLY A 128 39.19 38.46 -19.99
N ASN A 129 38.11 37.75 -19.67
CA ASN A 129 37.24 38.15 -18.58
C ASN A 129 36.58 36.91 -17.98
N LEU A 130 36.18 37.06 -16.73
CA LEU A 130 35.37 36.05 -16.04
C LEU A 130 33.89 36.34 -16.24
N ARG A 131 33.05 35.38 -15.82
CA ARG A 131 31.61 35.52 -16.01
C ARG A 131 31.03 36.63 -15.16
N GLU A 132 31.57 36.84 -13.96
CA GLU A 132 31.06 37.85 -13.04
C GLU A 132 31.41 39.28 -13.45
N ASN A 133 32.18 39.44 -14.53
CA ASN A 133 32.39 40.74 -15.14
C ASN A 133 31.84 40.83 -16.56
N ILE A 134 31.44 39.71 -17.15
CA ILE A 134 30.77 39.71 -18.44
C ILE A 134 29.29 39.95 -18.22
N GLU A 135 28.78 41.07 -18.71
CA GLU A 135 27.41 41.47 -18.45
C GLU A 135 26.42 40.56 -19.18
N LEU A 136 25.25 40.38 -18.57
CA LEU A 136 24.19 39.56 -19.13
C LEU A 136 22.90 40.37 -19.17
N GLY A 137 21.93 39.87 -19.92
CA GLY A 137 20.63 40.50 -20.07
C GLY A 137 20.29 40.70 -21.53
N ASN A 138 19.22 41.46 -21.76
CA ASN A 138 18.79 41.73 -23.13
C ASN A 138 19.86 42.44 -23.93
N GLY A 139 20.52 43.43 -23.32
CA GLY A 139 21.56 44.18 -23.95
C GLY A 139 22.70 43.34 -24.51
N PRO A 140 23.39 42.60 -23.64
CA PRO A 140 24.53 41.80 -24.12
C PRO A 140 24.15 40.73 -25.14
N LEU A 141 22.94 40.18 -25.04
CA LEU A 141 22.52 39.18 -26.02
C LEU A 141 22.39 39.79 -27.41
N GLU A 142 21.82 41.00 -27.50
CA GLU A 142 21.78 41.71 -28.78
C GLU A 142 23.18 41.96 -29.31
N GLU A 143 24.17 42.07 -28.42
CA GLU A 143 25.55 42.31 -28.81
C GLU A 143 26.29 41.02 -29.12
N ALA A 144 25.91 39.90 -28.49
CA ALA A 144 26.56 38.63 -28.76
C ALA A 144 26.22 38.10 -30.14
N ILE A 145 24.98 38.31 -30.59
CA ILE A 145 24.56 37.78 -31.88
C ILE A 145 25.24 38.53 -33.02
N SER A 146 25.29 39.86 -32.93
CA SER A 146 25.97 40.64 -33.95
C SER A 146 27.43 40.27 -34.05
N ALA A 147 28.06 39.95 -32.92
CA ALA A 147 29.43 39.43 -32.96
C ALA A 147 29.47 38.00 -33.48
N LEU A 148 28.42 37.22 -33.25
CA LEU A 148 28.39 35.84 -33.76
C LEU A 148 28.12 35.81 -35.25
N TYR A 149 27.12 36.56 -35.71
CA TYR A 149 26.81 36.60 -37.14
C TYR A 149 27.98 37.13 -37.94
N TYR A 150 28.64 38.18 -37.45
CA TYR A 150 29.75 38.78 -38.17
C TYR A 150 31.00 37.91 -38.15
N TYR A 151 30.96 36.70 -37.61
CA TYR A 151 32.15 35.84 -37.65
C TYR A 151 32.29 35.15 -39.01
N SER A 152 31.18 34.86 -39.69
CA SER A 152 31.27 34.34 -41.04
C SER A 152 31.97 35.33 -41.97
N THR A 153 31.69 36.61 -41.79
CA THR A 153 32.40 37.67 -42.50
C THR A 153 33.79 37.92 -41.93
N GLY A 154 34.13 37.29 -40.79
CA GLY A 154 35.43 37.45 -40.19
C GLY A 154 35.63 38.74 -39.44
N GLY A 155 34.76 39.73 -39.62
CA GLY A 155 34.91 41.01 -38.96
C GLY A 155 34.41 41.02 -37.53
N THR A 156 34.91 40.09 -36.71
CA THR A 156 34.59 40.05 -35.29
C THR A 156 35.86 39.85 -34.48
N GLN A 157 35.96 40.55 -33.36
CA GLN A 157 37.07 40.42 -32.44
C GLN A 157 36.93 39.12 -31.66
N LEU A 158 38.01 38.34 -31.62
CA LEU A 158 37.94 37.01 -31.01
C LEU A 158 37.60 37.04 -29.52
N PRO A 159 38.19 37.91 -28.69
CA PRO A 159 37.72 37.98 -27.29
C PRO A 159 36.24 38.32 -27.18
N THR A 160 35.75 39.24 -28.01
CA THR A 160 34.32 39.55 -28.02
C THR A 160 33.51 38.39 -28.58
N LEU A 161 34.16 37.39 -29.17
CA LEU A 161 33.47 36.18 -29.58
C LEU A 161 33.33 35.22 -28.39
N ALA A 162 34.42 35.03 -27.64
CA ALA A 162 34.33 34.24 -26.41
C ALA A 162 33.50 34.95 -25.36
N ARG A 163 33.61 36.28 -25.29
CA ARG A 163 32.72 37.06 -24.45
C ARG A 163 31.26 36.89 -24.87
N SER A 164 31.02 36.71 -26.17
CA SER A 164 29.66 36.54 -26.67
C SER A 164 29.11 35.16 -26.39
N PHE A 165 29.96 34.12 -26.49
CA PHE A 165 29.49 32.76 -26.24
C PHE A 165 29.01 32.60 -24.81
N ILE A 166 29.79 33.11 -23.84
CA ILE A 166 29.41 33.02 -22.43
C ILE A 166 28.05 33.65 -22.22
N ILE A 167 27.80 34.79 -22.87
CA ILE A 167 26.49 35.43 -22.81
C ILE A 167 25.43 34.50 -23.39
N CYS A 168 25.73 33.84 -24.50
CA CYS A 168 24.74 33.00 -25.17
C CYS A 168 24.43 31.74 -24.36
N ILE A 169 25.46 31.10 -23.81
CA ILE A 169 25.23 29.84 -23.08
C ILE A 169 24.49 30.09 -21.78
N GLN A 170 24.87 31.15 -21.05
CA GLN A 170 24.28 31.39 -19.74
C GLN A 170 22.79 31.74 -19.85
N MET A 171 22.44 32.67 -20.75
CA MET A 171 21.06 33.11 -20.87
C MET A 171 20.17 32.11 -21.57
N ILE A 172 20.71 31.02 -22.11
CA ILE A 172 19.91 30.05 -22.83
C ILE A 172 20.04 28.67 -22.20
N SER A 173 21.28 28.16 -22.10
CA SER A 173 21.49 26.82 -21.55
C SER A 173 21.29 26.81 -20.04
N GLU A 174 22.08 27.59 -19.31
CA GLU A 174 21.96 27.61 -17.85
C GLU A 174 20.61 28.16 -17.41
N ALA A 175 20.03 29.07 -18.21
CA ALA A 175 18.66 29.52 -17.94
C ALA A 175 17.64 28.42 -18.18
N ALA A 176 17.96 27.42 -19.00
CA ALA A 176 17.06 26.29 -19.19
C ALA A 176 17.22 25.26 -18.08
N ARG A 177 18.46 24.96 -17.70
CA ARG A 177 18.71 23.94 -16.68
C ARG A 177 18.10 24.34 -15.34
N PHE A 178 18.23 25.60 -14.95
CA PHE A 178 17.73 26.11 -13.68
C PHE A 178 16.59 27.09 -13.93
N GLN A 179 15.51 26.95 -13.17
CA GLN A 179 14.51 28.02 -13.13
C GLN A 179 15.07 29.24 -12.42
N TYR A 180 15.98 29.04 -11.47
CA TYR A 180 16.57 30.16 -10.73
C TYR A 180 17.31 31.11 -11.66
N ILE A 181 18.11 30.56 -12.57
CA ILE A 181 18.81 31.41 -13.54
C ILE A 181 17.83 31.97 -14.57
N GLU A 182 16.79 31.20 -14.91
CA GLU A 182 15.76 31.70 -15.80
C GLU A 182 15.11 32.95 -15.23
N GLY A 183 14.91 32.99 -13.91
CA GLY A 183 14.38 34.19 -13.29
C GLY A 183 15.38 35.34 -13.25
N GLU A 184 16.65 35.03 -12.94
CA GLU A 184 17.66 36.08 -12.83
C GLU A 184 17.87 36.81 -14.15
N MET A 185 17.57 36.16 -15.27
CA MET A 185 17.55 36.86 -16.55
C MET A 185 16.21 37.52 -16.81
N ARG A 186 15.12 36.83 -16.46
CA ARG A 186 13.79 37.43 -16.49
C ARG A 186 13.74 38.69 -15.64
N THR A 187 14.44 38.69 -14.50
CA THR A 187 14.53 39.88 -13.67
C THR A 187 15.25 41.01 -14.40
N ARG A 188 16.35 40.69 -15.09
CA ARG A 188 17.11 41.72 -15.79
C ARG A 188 16.34 42.26 -16.98
N ILE A 189 15.67 41.38 -17.74
CA ILE A 189 14.87 41.83 -18.88
C ILE A 189 13.76 42.76 -18.41
N ARG A 190 13.22 42.52 -17.22
CA ARG A 190 12.11 43.30 -16.70
C ARG A 190 12.49 44.74 -16.38
N TYR A 191 13.77 45.02 -16.15
CA TYR A 191 14.19 46.34 -15.68
C TYR A 191 15.22 47.02 -16.57
N ASN A 192 15.57 46.43 -17.71
CA ASN A 192 16.61 46.96 -18.60
C ASN A 192 17.87 47.32 -17.81
N ARG A 193 18.34 46.37 -17.02
CA ARG A 193 19.59 46.52 -16.29
C ARG A 193 20.53 45.41 -16.73
N ARG A 194 21.41 45.71 -17.68
N ARG A 194 21.35 45.71 -17.73
CA ARG A 194 22.42 44.74 -18.11
CA ARG A 194 22.51 44.89 -18.03
C ARG A 194 23.46 44.58 -17.00
C ARG A 194 23.32 44.68 -16.77
N SER A 195 23.42 43.44 -16.32
CA SER A 195 24.20 43.19 -15.12
C SER A 195 24.89 41.83 -15.21
N ALA A 196 26.13 41.80 -14.73
CA ALA A 196 26.83 40.54 -14.59
C ALA A 196 26.13 39.69 -13.53
N PRO A 197 26.27 38.36 -13.60
CA PRO A 197 25.51 37.49 -12.69
C PRO A 197 25.97 37.64 -11.25
N ASP A 198 25.06 37.28 -10.35
CA ASP A 198 25.41 37.15 -8.95
C ASP A 198 26.32 35.94 -8.75
N PRO A 199 27.06 35.89 -7.64
CA PRO A 199 27.74 34.63 -7.28
C PRO A 199 26.77 33.49 -7.00
N SER A 200 25.51 33.79 -6.66
CA SER A 200 24.54 32.74 -6.45
C SER A 200 24.26 31.97 -7.74
N VAL A 201 24.38 32.63 -8.89
CA VAL A 201 24.14 31.96 -10.17
C VAL A 201 25.39 31.22 -10.64
N ILE A 202 26.56 31.82 -10.41
CA ILE A 202 27.82 31.20 -10.85
C ILE A 202 27.99 29.83 -10.18
N THR A 203 27.72 29.76 -8.88
CA THR A 203 27.90 28.51 -8.15
C THR A 203 26.98 27.42 -8.67
N LEU A 204 25.76 27.79 -9.08
CA LEU A 204 24.84 26.81 -9.64
C LEU A 204 25.32 26.31 -10.99
N GLU A 205 25.88 27.20 -11.82
CA GLU A 205 26.32 26.80 -13.15
C GLU A 205 27.45 25.78 -13.08
N ASN A 206 28.39 25.97 -12.16
CA ASN A 206 29.44 24.98 -11.97
C ASN A 206 28.88 23.69 -11.39
N SER A 207 27.91 23.79 -10.49
CA SER A 207 27.42 22.64 -9.74
C SER A 207 26.37 21.83 -10.48
N TRP A 208 25.89 22.30 -11.64
CA TRP A 208 24.84 21.58 -12.35
C TRP A 208 25.24 20.14 -12.63
N GLY A 209 26.52 19.91 -12.95
CA GLY A 209 27.00 18.55 -13.10
C GLY A 209 26.93 17.77 -11.80
N ARG A 210 27.45 18.36 -10.71
CA ARG A 210 27.48 17.66 -9.43
C ARG A 210 26.07 17.51 -8.84
N LEU A 211 25.25 18.55 -8.96
CA LEU A 211 23.89 18.48 -8.41
C LEU A 211 23.10 17.35 -9.05
N SER A 212 23.20 17.20 -10.38
CA SER A 212 22.51 16.12 -11.06
C SER A 212 22.98 14.74 -10.58
N THR A 213 24.18 14.65 -10.02
CA THR A 213 24.66 13.38 -9.48
C THR A 213 24.00 13.07 -8.14
N ALA A 214 24.17 13.96 -7.16
CA ALA A 214 23.71 13.68 -5.80
C ALA A 214 22.19 13.60 -5.72
N ILE A 215 21.48 14.26 -6.64
CA ILE A 215 20.02 14.21 -6.60
C ILE A 215 19.50 12.84 -7.00
N GLN A 216 20.23 12.12 -7.86
CA GLN A 216 19.72 10.87 -8.42
C GLN A 216 20.20 9.64 -7.67
N GLU A 217 21.41 9.63 -7.14
CA GLU A 217 21.83 8.60 -6.18
C GLU A 217 21.76 9.22 -4.79
N SER A 218 20.52 9.35 -4.31
CA SER A 218 20.21 9.99 -3.04
C SER A 218 19.41 9.12 -2.08
N ASN A 219 18.88 7.99 -2.55
CA ASN A 219 18.31 6.91 -1.76
C ASN A 219 16.98 7.20 -1.09
N GLN A 220 16.71 8.47 -0.75
CA GLN A 220 15.37 8.94 -0.42
C GLN A 220 15.20 10.40 -0.77
N GLY A 221 16.21 11.05 -1.35
CA GLY A 221 16.32 12.49 -1.37
C GLY A 221 17.44 13.04 -0.51
N ALA A 222 18.12 12.19 0.27
CA ALA A 222 19.20 12.60 1.15
C ALA A 222 20.55 12.32 0.47
N PHE A 223 21.31 13.38 0.21
CA PHE A 223 22.59 13.23 -0.47
C PHE A 223 23.55 12.36 0.35
N ALA A 224 24.46 11.69 -0.35
CA ALA A 224 25.58 11.05 0.33
C ALA A 224 26.46 12.08 1.02
N SER A 225 26.75 13.18 0.32
CA SER A 225 27.59 14.25 0.83
C SER A 225 26.98 15.59 0.45
N PRO A 226 27.20 16.62 1.26
CA PRO A 226 26.61 17.94 0.95
C PRO A 226 27.28 18.61 -0.23
N ILE A 227 26.54 19.55 -0.82
CA ILE A 227 27.03 20.40 -1.90
C ILE A 227 26.97 21.84 -1.45
N GLN A 228 28.08 22.56 -1.57
CA GLN A 228 28.16 23.94 -1.13
C GLN A 228 27.66 24.87 -2.22
N LEU A 229 26.73 25.76 -1.87
CA LEU A 229 26.21 26.78 -2.75
C LEU A 229 26.48 28.16 -2.17
N GLN A 230 26.18 29.19 -2.95
CA GLN A 230 26.41 30.57 -2.54
C GLN A 230 25.12 31.37 -2.64
N ARG A 231 25.12 32.51 -1.97
CA ARG A 231 23.97 33.42 -1.91
C ARG A 231 24.26 34.66 -2.75
N ARG A 232 23.31 35.60 -2.74
CA ARG A 232 23.50 36.86 -3.42
C ARG A 232 24.76 37.57 -2.93
N ASN A 233 24.99 37.52 -1.62
CA ASN A 233 26.31 37.78 -1.05
C ASN A 233 26.98 36.44 -0.83
N GLY A 234 28.14 36.25 -1.46
CA GLY A 234 28.82 34.96 -1.44
C GLY A 234 28.91 34.36 -0.06
N SER A 235 28.21 33.26 0.17
CA SER A 235 28.00 32.72 1.50
C SER A 235 28.34 31.24 1.53
N LYS A 236 28.11 30.62 2.68
CA LYS A 236 28.72 29.34 3.03
C LYS A 236 27.74 28.18 3.13
N PHE A 237 26.43 28.42 2.92
CA PHE A 237 25.45 27.40 3.24
C PHE A 237 25.62 26.17 2.35
N SER A 238 25.34 25.00 2.91
CA SER A 238 25.47 23.72 2.23
C SER A 238 24.13 23.01 2.19
N VAL A 239 23.85 22.35 1.08
CA VAL A 239 22.57 21.67 0.85
C VAL A 239 22.76 20.18 1.06
N TYR A 240 21.91 19.57 1.88
CA TYR A 240 21.98 18.15 2.19
C TYR A 240 20.83 17.35 1.60
N ASP A 241 19.86 18.00 0.95
CA ASP A 241 18.64 17.30 0.51
C ASP A 241 18.14 17.92 -0.78
N VAL A 242 17.20 17.22 -1.43
CA VAL A 242 16.69 17.65 -2.73
C VAL A 242 15.53 18.62 -2.60
N SER A 243 14.68 18.43 -1.58
CA SER A 243 13.40 19.16 -1.52
C SER A 243 13.60 20.66 -1.60
N ILE A 244 14.69 21.16 -1.02
CA ILE A 244 15.02 22.58 -1.13
C ILE A 244 15.38 22.93 -2.57
N LEU A 245 16.02 22.01 -3.30
CA LEU A 245 16.52 22.29 -4.64
C LEU A 245 15.47 22.17 -5.73
N ILE A 246 14.32 21.55 -5.46
CA ILE A 246 13.30 21.28 -6.48
C ILE A 246 12.90 22.54 -7.24
N PRO A 247 12.66 23.68 -6.61
CA PRO A 247 12.33 24.90 -7.36
C PRO A 247 13.52 25.62 -7.97
N ILE A 248 14.72 25.04 -7.97
CA ILE A 248 15.90 25.67 -8.53
C ILE A 248 16.38 24.95 -9.79
N ILE A 249 16.37 23.62 -9.78
CA ILE A 249 16.86 22.83 -10.90
C ILE A 249 15.67 22.30 -11.69
N ALA A 250 15.67 22.56 -13.00
CA ALA A 250 14.61 22.10 -13.89
C ALA A 250 15.07 21.04 -14.87
N LEU A 251 16.35 20.97 -15.19
CA LEU A 251 16.91 19.92 -16.02
C LEU A 251 18.14 19.33 -15.35
N MET A 252 18.28 18.01 -15.44
CA MET A 252 19.46 17.31 -14.96
C MET A 252 19.97 16.38 -16.04
N VAL A 253 21.28 16.18 -16.07
CA VAL A 253 21.89 15.29 -17.05
C VAL A 253 21.72 13.84 -16.60
N TYR A 254 21.42 12.96 -17.55
CA TYR A 254 21.25 11.55 -17.25
C TYR A 254 22.50 10.99 -16.59
N ARG A 255 22.31 10.28 -15.48
CA ARG A 255 23.42 9.70 -14.73
C ARG A 255 23.38 8.18 -14.74
N CYS A 256 22.29 7.57 -14.30
CA CYS A 256 22.17 6.13 -14.25
C CYS A 256 20.70 5.75 -14.38
N ALA A 257 20.46 4.52 -14.81
CA ALA A 257 19.09 4.03 -14.92
C ALA A 257 18.46 3.95 -13.53
N PRO A 258 17.19 4.31 -13.40
CA PRO A 258 16.55 4.33 -12.07
C PRO A 258 16.41 2.92 -11.52
N PRO A 259 16.14 2.78 -10.22
CA PRO A 259 15.86 1.45 -9.67
C PRO A 259 14.72 0.79 -10.39
N PRO A 260 14.88 -0.48 -10.80
CA PRO A 260 13.91 -1.15 -11.68
C PRO A 260 12.53 -1.33 -11.06
N ALA B 1 23.12 3.68 -18.15
CA ALA B 1 24.57 3.71 -18.00
C ALA B 1 25.01 2.84 -16.83
N ASP B 2 24.14 2.74 -15.83
CA ASP B 2 24.32 1.86 -14.67
C ASP B 2 23.00 1.80 -13.91
N VAL B 3 23.04 1.20 -12.73
CA VAL B 3 21.94 1.26 -11.78
C VAL B 3 22.30 2.30 -10.73
N CYS B 4 21.35 3.19 -10.43
CA CYS B 4 21.62 4.30 -9.49
C CYS B 4 21.74 3.72 -8.08
N MET B 5 22.89 3.11 -7.82
CA MET B 5 23.18 2.59 -6.49
C MET B 5 23.11 3.72 -5.47
N ASP B 6 22.41 3.47 -4.37
CA ASP B 6 22.11 4.53 -3.44
C ASP B 6 22.90 4.37 -2.15
N PRO B 7 23.23 5.48 -1.49
CA PRO B 7 24.02 5.41 -0.26
C PRO B 7 23.13 5.38 0.98
N GLU B 8 23.77 5.03 2.11
CA GLU B 8 23.15 5.17 3.42
C GLU B 8 23.79 6.35 4.13
N PRO B 9 23.22 7.55 4.00
CA PRO B 9 23.86 8.73 4.59
C PRO B 9 23.46 8.95 6.05
N ILE B 10 24.45 9.14 6.91
CA ILE B 10 24.18 9.55 8.28
C ILE B 10 23.68 10.99 8.28
N VAL B 11 22.64 11.25 9.06
CA VAL B 11 21.91 12.51 8.94
C VAL B 11 21.10 12.73 10.21
N ARG B 12 20.76 13.99 10.48
CA ARG B 12 19.76 14.35 11.46
C ARG B 12 18.42 14.59 10.76
N ILE B 13 17.34 14.56 11.55
CA ILE B 13 15.99 14.67 11.01
C ILE B 13 15.33 15.86 11.70
N VAL B 14 15.26 16.99 11.00
CA VAL B 14 14.68 18.22 11.52
C VAL B 14 13.22 18.30 11.10
N GLY B 15 12.36 18.71 12.03
CA GLY B 15 10.94 18.75 11.75
C GLY B 15 10.21 19.95 12.32
N ARG B 16 9.14 19.69 13.06
CA ARG B 16 8.30 20.74 13.63
C ARG B 16 9.12 21.72 14.45
N ASN B 17 9.05 23.00 14.07
CA ASN B 17 9.70 24.11 14.77
C ASN B 17 11.22 23.96 14.79
N GLY B 18 11.77 23.27 13.80
CA GLY B 18 13.21 23.11 13.71
C GLY B 18 13.84 22.24 14.77
N LEU B 19 13.03 21.46 15.50
CA LEU B 19 13.55 20.57 16.53
C LEU B 19 13.82 19.19 15.92
N CYS B 20 14.96 18.61 16.28
CA CYS B 20 15.44 17.38 15.66
C CYS B 20 14.67 16.17 16.17
N VAL B 21 14.73 15.09 15.38
CA VAL B 21 14.28 13.78 15.83
C VAL B 21 15.38 13.22 16.73
N ASP B 22 15.04 12.99 17.99
CA ASP B 22 16.04 12.73 19.02
C ASP B 22 15.60 11.57 19.90
N VAL B 23 16.57 10.74 20.29
CA VAL B 23 16.32 9.63 21.21
C VAL B 23 16.44 10.18 22.64
N ARG B 24 15.40 9.97 23.44
CA ARG B 24 15.29 10.65 24.72
C ARG B 24 16.42 10.26 25.66
N ASP B 25 17.13 11.26 26.16
CA ASP B 25 18.13 11.15 27.22
C ASP B 25 19.23 10.15 26.90
N GLY B 26 19.36 9.72 25.65
CA GLY B 26 20.48 8.92 25.21
C GLY B 26 20.36 7.43 25.46
N ARG B 27 19.42 6.98 26.30
CA ARG B 27 19.31 5.56 26.58
C ARG B 27 18.60 4.85 25.43
N PHE B 28 19.15 3.69 25.04
CA PHE B 28 18.75 3.00 23.83
C PHE B 28 18.02 1.68 24.10
N HIS B 29 17.58 1.45 25.33
CA HIS B 29 16.84 0.24 25.64
C HIS B 29 15.59 0.14 24.78
N ASN B 30 15.22 -1.09 24.42
CA ASN B 30 14.06 -1.31 23.55
C ASN B 30 12.82 -0.70 24.16
N GLY B 31 12.22 0.26 23.45
CA GLY B 31 11.02 0.92 23.90
C GLY B 31 11.20 2.34 24.42
N ASN B 32 12.40 2.90 24.34
CA ASN B 32 12.61 4.28 24.78
C ASN B 32 12.04 5.26 23.75
N ALA B 33 11.64 6.42 24.23
CA ALA B 33 10.89 7.38 23.42
C ALA B 33 11.79 8.11 22.44
N ILE B 34 11.35 8.20 21.18
CA ILE B 34 11.93 9.11 20.21
C ILE B 34 11.19 10.43 20.37
N GLN B 35 11.90 11.47 20.81
CA GLN B 35 11.28 12.72 21.19
C GLN B 35 11.69 13.84 20.23
N LEU B 36 11.16 15.02 20.50
CA LEU B 36 11.58 16.26 19.86
C LEU B 36 12.58 16.96 20.79
N TRP B 37 13.60 17.58 20.21
CA TRP B 37 14.68 18.13 21.02
C TRP B 37 15.45 19.15 20.20
N PRO B 38 16.05 20.16 20.83
CA PRO B 38 16.88 21.10 20.08
C PRO B 38 18.04 20.38 19.41
N CYS B 39 18.35 20.81 18.19
CA CYS B 39 19.30 20.11 17.34
C CYS B 39 20.72 20.31 17.85
N LYS B 40 21.35 19.21 18.27
CA LYS B 40 22.71 19.29 18.80
C LYS B 40 23.71 19.56 17.68
N SER B 41 24.85 20.13 18.07
CA SER B 41 25.90 20.53 17.13
C SER B 41 27.14 19.64 17.28
N ASN B 42 26.94 18.35 17.48
CA ASN B 42 28.04 17.45 17.74
C ASN B 42 27.72 16.09 17.15
N THR B 43 28.43 15.05 17.59
CA THR B 43 28.33 13.71 17.04
C THR B 43 27.64 12.75 18.02
N ASP B 44 26.64 13.22 18.74
CA ASP B 44 25.88 12.37 19.64
C ASP B 44 24.96 11.47 18.83
N ALA B 45 25.09 10.16 19.04
CA ALA B 45 24.38 9.19 18.21
C ALA B 45 22.87 9.31 18.35
N ASN B 46 22.38 9.82 19.48
CA ASN B 46 20.94 9.89 19.71
C ASN B 46 20.25 10.96 18.84
N GLN B 47 20.96 11.60 17.93
CA GLN B 47 20.35 12.47 16.93
C GLN B 47 20.80 12.17 15.50
N LEU B 48 21.76 11.27 15.31
CA LEU B 48 22.34 11.00 14.00
C LEU B 48 21.76 9.72 13.45
N TRP B 49 21.15 9.80 12.27
CA TRP B 49 20.33 8.72 11.72
C TRP B 49 20.89 8.26 10.38
N THR B 50 21.23 6.98 10.29
CA THR B 50 21.61 6.37 9.03
C THR B 50 20.33 5.95 8.29
N LEU B 51 20.15 6.45 7.08
CA LEU B 51 19.01 6.10 6.24
C LEU B 51 19.39 4.81 5.51
N LYS B 52 19.14 3.69 6.15
CA LYS B 52 19.63 2.39 5.67
C LYS B 52 18.95 2.01 4.35
N ARG B 53 19.66 1.17 3.59
CA ARG B 53 19.22 0.80 2.25
C ARG B 53 17.90 0.03 2.25
N ASP B 54 17.48 -0.53 3.38
CA ASP B 54 16.28 -1.36 3.46
C ASP B 54 15.07 -0.59 3.99
N ASN B 55 14.99 0.71 3.68
CA ASN B 55 13.89 1.56 4.13
C ASN B 55 13.75 1.57 5.65
N THR B 56 14.88 1.42 6.37
CA THR B 56 14.90 1.50 7.82
C THR B 56 15.79 2.66 8.24
N ILE B 57 15.40 3.33 9.32
CA ILE B 57 16.11 4.50 9.82
C ILE B 57 16.66 4.16 11.19
N ARG B 58 17.98 4.07 11.29
CA ARG B 58 18.67 3.56 12.48
C ARG B 58 19.51 4.64 13.12
N SER B 59 19.43 4.74 14.45
CA SER B 59 20.34 5.55 15.25
C SER B 59 21.07 4.60 16.20
N ASN B 60 22.38 4.45 15.99
CA ASN B 60 23.23 3.60 16.83
C ASN B 60 22.71 2.16 16.86
N GLY B 61 22.58 1.58 15.67
CA GLY B 61 22.23 0.18 15.51
C GLY B 61 20.77 -0.16 15.73
N LYS B 62 20.02 0.66 16.44
CA LYS B 62 18.62 0.39 16.73
C LYS B 62 17.73 1.23 15.84
N CYS B 63 16.52 0.73 15.59
CA CYS B 63 15.64 1.27 14.55
C CYS B 63 14.58 2.20 15.12
N LEU B 64 14.30 3.28 14.38
CA LEU B 64 13.08 4.06 14.57
C LEU B 64 11.89 3.14 14.37
N THR B 65 11.12 2.89 15.44
CA THR B 65 10.09 1.87 15.43
C THR B 65 8.78 2.42 15.98
N THR B 66 7.69 2.20 15.25
CA THR B 66 6.36 2.48 15.77
C THR B 66 5.93 1.36 16.71
N TYR B 67 5.30 1.73 17.83
CA TYR B 67 4.82 0.73 18.77
C TYR B 67 3.74 -0.13 18.15
N GLY B 68 2.93 0.43 17.26
CA GLY B 68 1.86 -0.29 16.65
C GLY B 68 1.42 0.33 15.34
N TYR B 69 0.25 -0.08 14.88
CA TYR B 69 -0.30 0.34 13.60
C TYR B 69 -1.65 1.03 13.77
N SER B 70 -1.75 1.88 14.78
CA SER B 70 -2.98 2.62 15.07
C SER B 70 -2.66 4.08 15.33
N PRO B 71 -3.56 4.99 14.95
CA PRO B 71 -3.29 6.42 15.18
C PRO B 71 -3.21 6.75 16.66
N GLY B 72 -2.02 7.14 17.12
CA GLY B 72 -1.85 7.50 18.51
C GLY B 72 -0.64 6.86 19.18
N VAL B 73 -0.27 5.66 18.73
CA VAL B 73 0.86 4.97 19.34
C VAL B 73 2.14 5.77 19.09
N TYR B 74 3.11 5.61 19.96
CA TYR B 74 4.32 6.42 19.92
C TYR B 74 5.44 5.70 19.19
N VAL B 75 6.39 6.48 18.68
CA VAL B 75 7.55 5.97 17.98
C VAL B 75 8.69 5.82 18.98
N MET B 76 9.28 4.63 19.01
CA MET B 76 10.32 4.29 19.97
C MET B 76 11.60 3.92 19.25
N ILE B 77 12.63 3.62 20.05
CA ILE B 77 13.90 3.08 19.55
C ILE B 77 13.96 1.63 19.99
N TYR B 78 14.19 0.73 19.04
CA TYR B 78 14.03 -0.69 19.29
C TYR B 78 15.07 -1.47 18.50
N ASP B 79 15.36 -2.69 18.98
CA ASP B 79 16.25 -3.59 18.27
C ASP B 79 15.63 -3.97 16.94
N CYS B 80 16.34 -3.64 15.85
CA CYS B 80 15.80 -3.80 14.51
C CYS B 80 15.38 -5.25 14.25
N ASN B 81 16.33 -6.18 14.36
CA ASN B 81 16.12 -7.56 13.98
C ASN B 81 15.44 -8.38 15.08
N THR B 82 14.75 -7.71 15.99
CA THR B 82 13.93 -8.32 17.03
C THR B 82 12.47 -7.92 16.95
N ALA B 83 12.18 -6.68 16.58
CA ALA B 83 10.81 -6.19 16.47
C ALA B 83 10.21 -6.56 15.12
N ALA B 84 8.93 -6.25 14.94
CA ALA B 84 8.24 -6.55 13.68
C ALA B 84 8.95 -5.89 12.51
N THR B 85 9.17 -6.65 11.44
CA THR B 85 10.02 -6.21 10.34
C THR B 85 9.46 -5.00 9.61
N ASP B 86 8.16 -4.75 9.68
CA ASP B 86 7.54 -3.60 9.04
C ASP B 86 7.07 -2.53 10.01
N ALA B 87 7.30 -2.70 11.30
CA ALA B 87 7.18 -1.60 12.25
C ALA B 87 8.40 -0.70 12.24
N THR B 88 9.44 -1.10 11.50
CA THR B 88 10.66 -0.31 11.36
C THR B 88 10.80 0.27 9.97
N ARG B 89 9.87 0.00 9.06
CA ARG B 89 9.95 0.48 7.69
C ARG B 89 9.39 1.89 7.58
N TRP B 90 10.10 2.74 6.84
CA TRP B 90 9.68 4.12 6.62
C TRP B 90 10.09 4.55 5.22
N GLN B 91 9.40 5.56 4.72
CA GLN B 91 9.76 6.22 3.47
C GLN B 91 9.74 7.72 3.68
N ILE B 92 10.57 8.42 2.90
CA ILE B 92 10.74 9.87 3.03
C ILE B 92 10.35 10.48 1.68
N TRP B 93 9.15 11.02 1.61
CA TRP B 93 8.64 11.58 0.36
C TRP B 93 9.27 12.94 0.08
N ASP B 94 9.23 13.32 -1.21
CA ASP B 94 9.78 14.61 -1.62
C ASP B 94 9.00 15.79 -1.07
N ASN B 95 7.76 15.58 -0.63
CA ASN B 95 6.95 16.65 -0.06
C ASN B 95 7.19 16.83 1.45
N GLY B 96 8.01 15.97 2.07
CA GLY B 96 8.40 16.13 3.45
C GLY B 96 7.89 15.07 4.39
N THR B 97 6.83 14.35 4.01
CA THR B 97 6.22 13.36 4.89
C THR B 97 7.10 12.12 5.01
N ILE B 98 7.32 11.67 6.25
CA ILE B 98 8.01 10.41 6.54
C ILE B 98 6.95 9.42 7.02
N ILE B 99 6.75 8.34 6.27
CA ILE B 99 5.58 7.50 6.40
C ILE B 99 5.99 6.04 6.60
N ASN B 100 5.27 5.36 7.52
CA ASN B 100 5.30 3.91 7.69
C ASN B 100 4.36 3.25 6.67
N PRO B 101 4.76 2.14 6.06
CA PRO B 101 3.96 1.59 4.96
C PRO B 101 2.82 0.65 5.36
N ARG B 102 2.84 0.09 6.57
CA ARG B 102 1.74 -0.78 6.99
C ARG B 102 0.44 -0.01 7.00
N SER B 103 0.34 0.98 7.89
CA SER B 103 -0.73 1.97 7.87
C SER B 103 -0.13 3.30 7.44
N SER B 104 -0.92 4.08 6.71
CA SER B 104 -0.46 5.35 6.18
C SER B 104 0.05 6.29 7.26
N LEU B 105 -0.12 5.93 8.54
CA LEU B 105 0.23 6.79 9.66
C LEU B 105 1.65 7.31 9.53
N VAL B 106 1.82 8.60 9.82
CA VAL B 106 3.01 9.35 9.50
C VAL B 106 3.67 9.83 10.79
N LEU B 107 4.99 9.78 10.83
CA LEU B 107 5.74 10.36 11.94
C LEU B 107 5.32 11.80 12.16
N ALA B 108 5.01 12.14 13.41
CA ALA B 108 4.47 13.46 13.71
C ALA B 108 4.91 13.88 15.11
N ALA B 109 4.97 15.20 15.30
CA ALA B 109 5.20 15.80 16.61
C ALA B 109 3.91 16.50 17.01
N THR B 110 3.10 15.83 17.83
CA THR B 110 1.78 16.34 18.17
C THR B 110 1.83 17.66 18.92
N SER B 111 3.00 18.02 19.47
CA SER B 111 3.20 19.31 20.10
C SER B 111 4.45 19.95 19.54
N GLY B 112 4.48 21.29 19.58
CA GLY B 112 5.63 22.04 19.12
C GLY B 112 6.60 22.31 20.25
N ASN B 113 6.51 21.53 21.30
CA ASN B 113 7.28 21.72 22.51
C ASN B 113 8.48 20.78 22.55
N SER B 114 9.48 21.16 23.34
CA SER B 114 10.66 20.34 23.52
C SER B 114 10.41 19.29 24.60
N GLY B 115 10.95 18.09 24.38
CA GLY B 115 10.60 16.95 25.19
C GLY B 115 9.36 16.22 24.74
N THR B 116 8.69 16.72 23.70
CA THR B 116 7.47 16.08 23.20
C THR B 116 7.81 14.75 22.53
N THR B 117 7.01 13.73 22.84
CA THR B 117 7.22 12.40 22.30
C THR B 117 6.63 12.29 20.89
N LEU B 118 7.40 11.67 19.99
CA LEU B 118 6.93 11.46 18.62
C LEU B 118 5.94 10.31 18.57
N THR B 119 5.05 10.36 17.58
CA THR B 119 4.00 9.37 17.41
C THR B 119 3.81 9.12 15.92
N VAL B 120 2.76 8.37 15.58
CA VAL B 120 2.32 8.23 14.20
C VAL B 120 0.83 8.56 14.16
N GLN B 121 0.47 9.56 13.36
CA GLN B 121 -0.91 10.01 13.24
C GLN B 121 -1.37 9.84 11.80
N THR B 122 -2.69 9.93 11.61
CA THR B 122 -3.25 9.88 10.28
C THR B 122 -2.78 11.07 9.46
N ASN B 123 -2.46 10.83 8.20
CA ASN B 123 -1.69 11.78 7.39
C ASN B 123 -2.61 12.86 6.85
N ILE B 124 -2.45 14.08 7.37
CA ILE B 124 -3.15 15.26 6.87
C ILE B 124 -2.19 16.27 6.26
N TYR B 125 -0.93 15.87 6.02
CA TYR B 125 0.08 16.75 5.44
C TYR B 125 0.16 18.08 6.18
N ALA B 126 0.39 17.99 7.48
CA ALA B 126 0.40 19.16 8.37
C ALA B 126 1.83 19.56 8.72
N VAL B 127 1.94 20.70 9.39
CA VAL B 127 3.24 21.18 9.86
C VAL B 127 3.80 20.23 10.90
N SER B 128 2.95 19.69 11.76
CA SER B 128 3.38 18.74 12.78
C SER B 128 3.75 17.38 12.21
N GLN B 129 3.67 17.19 10.89
CA GLN B 129 4.03 15.94 10.25
C GLN B 129 5.12 16.09 9.20
N GLY B 130 5.63 17.29 8.97
CA GLY B 130 6.63 17.53 7.95
C GLY B 130 8.03 17.37 8.49
N TRP B 131 8.85 16.60 7.78
CA TRP B 131 10.21 16.30 8.18
C TRP B 131 11.15 16.47 7.01
N LEU B 132 12.44 16.63 7.33
CA LEU B 132 13.47 16.81 6.31
C LEU B 132 14.81 16.34 6.84
N PRO B 133 15.38 15.26 6.29
CA PRO B 133 16.69 14.79 6.76
C PRO B 133 17.80 15.70 6.26
N THR B 134 18.54 16.29 7.19
CA THR B 134 19.65 17.17 6.85
C THR B 134 20.58 17.28 8.04
N ASN B 135 21.82 17.68 7.77
CA ASN B 135 22.75 18.08 8.82
C ASN B 135 22.78 19.59 9.01
N ASN B 136 22.21 20.35 8.07
CA ASN B 136 22.00 21.78 8.26
C ASN B 136 20.78 21.98 9.13
N THR B 137 20.97 22.64 10.28
CA THR B 137 19.91 22.77 11.27
C THR B 137 19.05 24.03 11.05
N GLN B 138 19.70 25.17 10.85
CA GLN B 138 18.96 26.42 10.71
C GLN B 138 18.09 26.38 9.46
N PRO B 139 16.93 27.02 9.48
CA PRO B 139 16.05 27.04 8.30
C PRO B 139 16.67 27.82 7.14
N PHE B 140 15.97 27.87 6.02
CA PHE B 140 16.47 28.49 4.80
C PHE B 140 15.93 29.91 4.73
N VAL B 141 16.81 30.91 4.85
CA VAL B 141 16.42 32.31 4.88
C VAL B 141 16.57 32.86 3.47
N THR B 142 15.44 33.05 2.78
CA THR B 142 15.44 33.64 1.44
C THR B 142 14.30 34.64 1.32
N THR B 143 14.32 35.37 0.22
CA THR B 143 13.20 36.19 -0.21
C THR B 143 12.37 35.42 -1.23
N ILE B 144 11.08 35.71 -1.28
CA ILE B 144 10.15 35.05 -2.20
C ILE B 144 9.62 36.10 -3.16
N VAL B 145 9.96 35.95 -4.44
CA VAL B 145 9.59 36.90 -5.49
C VAL B 145 8.54 36.23 -6.37
N GLY B 146 7.47 36.96 -6.66
CA GLY B 146 6.35 36.40 -7.41
C GLY B 146 6.00 37.27 -8.61
N LEU B 147 4.70 37.47 -8.79
CA LEU B 147 4.17 38.17 -9.95
C LEU B 147 4.77 39.56 -10.09
N TYR B 148 5.15 39.91 -11.32
CA TYR B 148 5.71 41.22 -11.67
C TYR B 148 7.04 41.49 -10.96
N GLY B 149 7.75 40.44 -10.54
CA GLY B 149 9.03 40.61 -9.88
C GLY B 149 8.95 41.35 -8.58
N LEU B 150 7.84 41.25 -7.86
CA LEU B 150 7.67 41.91 -6.58
C LEU B 150 7.77 40.88 -5.45
N CYS B 151 7.88 41.39 -4.23
CA CYS B 151 8.29 40.57 -3.09
C CYS B 151 7.09 40.15 -2.24
N LEU B 152 7.26 39.02 -1.56
CA LEU B 152 6.32 38.59 -0.53
C LEU B 152 6.74 39.24 0.79
N GLN B 153 5.84 40.01 1.38
CA GLN B 153 6.15 40.85 2.53
C GLN B 153 5.10 40.63 3.62
N ALA B 154 5.54 40.11 4.76
CA ALA B 154 4.67 39.97 5.93
C ALA B 154 4.84 41.21 6.81
N ASN B 155 3.72 41.86 7.13
CA ASN B 155 3.78 43.15 7.80
C ASN B 155 3.54 43.03 9.30
N SER B 156 2.34 42.61 9.72
CA SER B 156 2.18 42.14 11.09
C SER B 156 1.36 40.85 11.14
N GLY B 157 0.28 40.80 10.36
CA GLY B 157 -0.58 39.64 10.28
C GLY B 157 -1.16 39.48 8.90
N GLN B 158 -0.54 40.16 7.94
CA GLN B 158 -1.01 40.19 6.56
C GLN B 158 0.14 39.85 5.63
N VAL B 159 -0.16 39.09 4.59
CA VAL B 159 0.79 38.77 3.53
C VAL B 159 0.31 39.45 2.26
N TRP B 160 1.18 40.24 1.64
CA TRP B 160 0.84 40.89 0.39
C TRP B 160 2.09 41.01 -0.47
N ILE B 161 1.92 41.62 -1.64
CA ILE B 161 2.98 41.75 -2.63
C ILE B 161 3.33 43.22 -2.78
N GLU B 162 4.62 43.52 -2.68
CA GLU B 162 5.12 44.89 -2.70
C GLU B 162 6.52 44.86 -3.28
N ASP B 163 6.82 45.83 -4.15
CA ASP B 163 8.05 45.77 -4.95
C ASP B 163 9.27 45.63 -4.05
N CYS B 164 10.20 44.79 -4.50
CA CYS B 164 11.28 44.33 -3.64
C CYS B 164 12.20 45.46 -3.23
N SER B 165 12.59 45.46 -1.96
CA SER B 165 13.61 46.34 -1.44
C SER B 165 14.71 45.49 -0.80
N SER B 166 15.95 45.98 -0.91
CA SER B 166 17.11 45.16 -0.53
C SER B 166 17.04 44.72 0.93
N GLU B 167 16.45 45.53 1.81
CA GLU B 167 16.44 45.21 3.24
C GLU B 167 15.12 45.58 3.92
N LYS B 168 14.03 45.75 3.18
CA LYS B 168 12.80 46.24 3.77
C LYS B 168 12.27 45.28 4.82
N ALA B 169 11.50 45.82 5.77
CA ALA B 169 10.96 45.07 6.90
C ALA B 169 9.47 44.82 6.66
N GLU B 170 9.12 43.57 6.38
CA GLU B 170 10.07 42.49 6.18
C GLU B 170 9.63 41.52 5.10
N GLN B 171 10.52 41.28 4.14
CA GLN B 171 10.29 40.34 3.07
C GLN B 171 11.28 39.17 3.09
N GLN B 172 12.02 38.99 4.18
CA GLN B 172 12.95 37.87 4.33
C GLN B 172 12.25 36.74 5.08
N TRP B 173 12.20 35.57 4.47
CA TRP B 173 11.43 34.45 4.99
C TRP B 173 12.37 33.29 5.33
N ALA B 174 11.90 32.43 6.22
CA ALA B 174 12.64 31.24 6.64
C ALA B 174 11.81 30.02 6.29
N LEU B 175 12.28 29.26 5.29
CA LEU B 175 11.62 28.01 4.91
C LEU B 175 12.06 26.93 5.90
N TYR B 176 11.17 26.54 6.80
CA TYR B 176 11.53 25.58 7.83
C TYR B 176 11.44 24.15 7.29
N ALA B 177 12.06 23.23 8.04
CA ALA B 177 12.10 21.83 7.64
C ALA B 177 10.76 21.12 7.81
N ASP B 178 9.77 21.77 8.44
CA ASP B 178 8.44 21.21 8.57
C ASP B 178 7.48 21.75 7.51
N GLY B 179 8.00 22.38 6.46
CA GLY B 179 7.19 22.90 5.39
C GLY B 179 6.62 24.28 5.63
N SER B 180 6.74 24.82 6.84
CA SER B 180 6.21 26.13 7.13
C SER B 180 7.04 27.22 6.48
N ILE B 181 6.39 28.36 6.20
CA ILE B 181 7.07 29.54 5.68
C ILE B 181 6.83 30.65 6.70
N ARG B 182 7.90 31.11 7.32
CA ARG B 182 7.81 31.99 8.47
C ARG B 182 8.51 33.31 8.20
N PRO B 183 7.88 34.45 8.51
CA PRO B 183 8.60 35.73 8.43
C PRO B 183 9.69 35.78 9.49
N GLN B 184 10.90 36.16 9.07
CA GLN B 184 12.06 36.08 9.95
C GLN B 184 11.98 37.06 11.11
N GLN B 185 11.06 38.02 11.08
CA GLN B 185 10.89 38.92 12.22
C GLN B 185 10.38 38.18 13.44
N ASN B 186 9.25 37.48 13.30
CA ASN B 186 8.69 36.66 14.36
C ASN B 186 8.68 35.22 13.85
N ARG B 187 9.70 34.44 14.25
CA ARG B 187 9.83 33.05 13.82
C ARG B 187 8.71 32.16 14.33
N ASP B 188 7.83 32.66 15.21
CA ASP B 188 6.71 31.90 15.71
C ASP B 188 5.45 32.05 14.86
N ASN B 189 5.55 32.71 13.71
CA ASN B 189 4.41 32.95 12.85
C ASN B 189 4.61 32.28 11.50
N CYS B 190 3.52 31.73 10.95
CA CYS B 190 3.57 30.92 9.75
C CYS B 190 2.65 31.52 8.68
N LEU B 191 2.99 31.25 7.42
CA LEU B 191 2.09 31.53 6.32
C LEU B 191 0.91 30.57 6.41
N THR B 192 -0.25 31.07 6.82
CA THR B 192 -1.37 30.23 7.21
C THR B 192 -2.63 30.65 6.49
N SER B 193 -3.41 29.65 6.06
CA SER B 193 -4.75 29.85 5.53
C SER B 193 -5.73 29.12 6.45
N ASP B 194 -6.91 29.72 6.64
CA ASP B 194 -7.90 29.19 7.56
C ASP B 194 -8.69 28.01 6.99
N SER B 195 -8.26 27.48 5.84
CA SER B 195 -8.92 26.38 5.15
C SER B 195 -8.07 26.04 3.93
N ASN B 196 -8.38 24.94 3.23
CA ASN B 196 -9.38 23.86 3.18
C ASN B 196 -10.67 24.35 2.51
N ILE B 197 -10.60 25.56 1.96
CA ILE B 197 -11.58 26.14 1.06
C ILE B 197 -10.80 26.89 -0.01
N ARG B 198 -11.49 27.42 -1.02
CA ARG B 198 -10.80 27.91 -2.21
C ARG B 198 -10.19 29.29 -2.01
N GLU B 199 -11.01 30.32 -1.86
CA GLU B 199 -10.51 31.69 -2.01
C GLU B 199 -9.61 32.06 -0.83
N THR B 200 -10.16 32.14 0.37
CA THR B 200 -9.41 31.97 1.62
C THR B 200 -8.11 32.78 1.64
N VAL B 201 -8.26 34.10 1.78
CA VAL B 201 -7.11 35.00 1.92
C VAL B 201 -6.11 34.40 2.89
N VAL B 202 -4.87 34.23 2.44
CA VAL B 202 -3.81 33.72 3.31
C VAL B 202 -3.44 34.80 4.31
N LYS B 203 -3.23 34.40 5.56
CA LYS B 203 -2.87 35.31 6.63
C LYS B 203 -1.57 34.84 7.28
N ILE B 204 -1.18 35.52 8.36
CA ILE B 204 0.02 35.18 9.11
C ILE B 204 -0.40 35.01 10.57
N LEU B 205 -0.50 33.77 11.02
CA LEU B 205 -0.88 33.45 12.40
C LEU B 205 0.22 32.62 13.05
N SER B 206 0.04 32.32 14.33
CA SER B 206 1.05 31.57 15.07
C SER B 206 1.06 30.10 14.64
N CYS B 207 2.25 29.51 14.70
CA CYS B 207 2.45 28.12 14.28
C CYS B 207 2.12 27.11 15.38
N GLY B 208 1.61 27.58 16.53
CA GLY B 208 1.25 26.71 17.62
C GLY B 208 0.40 25.52 17.23
N PRO B 209 -0.69 25.76 16.50
CA PRO B 209 -1.50 24.61 16.01
C PRO B 209 -0.73 23.67 15.10
N ALA B 210 0.20 24.19 14.30
CA ALA B 210 0.92 23.40 13.29
C ALA B 210 -0.07 22.60 12.43
N SER B 211 -0.98 23.35 11.81
CA SER B 211 -2.09 22.76 11.07
C SER B 211 -1.70 22.49 9.61
N SER B 212 -2.58 21.76 8.93
CA SER B 212 -2.38 21.42 7.52
C SER B 212 -2.44 22.63 6.60
N GLY B 213 -2.90 23.79 7.11
CA GLY B 213 -2.94 25.01 6.34
C GLY B 213 -1.71 25.88 6.44
N GLN B 214 -0.69 25.46 7.18
CA GLN B 214 0.54 26.23 7.32
C GLN B 214 1.75 25.53 6.74
N ARG B 215 1.57 24.38 6.10
CA ARG B 215 2.64 23.63 5.47
C ARG B 215 2.56 23.81 3.96
N TRP B 216 3.71 24.04 3.33
CA TRP B 216 3.76 24.30 1.90
C TRP B 216 4.90 23.54 1.27
N MET B 217 4.91 23.50 -0.06
CA MET B 217 5.98 22.88 -0.82
C MET B 217 6.22 23.67 -2.10
N PHE B 218 7.47 24.08 -2.30
CA PHE B 218 7.88 24.68 -3.57
C PHE B 218 7.97 23.58 -4.62
N LYS B 219 7.04 23.61 -5.58
CA LYS B 219 7.01 22.56 -6.59
C LYS B 219 7.92 22.92 -7.77
N ASN B 220 8.11 21.94 -8.65
CA ASN B 220 9.02 22.11 -9.78
C ASN B 220 8.54 23.18 -10.75
N ASP B 221 7.23 23.36 -10.88
CA ASP B 221 6.68 24.32 -11.84
C ASP B 221 6.62 25.75 -11.32
N GLY B 222 7.30 26.04 -10.21
CA GLY B 222 7.32 27.39 -9.68
C GLY B 222 6.16 27.76 -8.79
N THR B 223 5.28 26.81 -8.47
CA THR B 223 4.16 27.06 -7.58
C THR B 223 4.56 26.72 -6.14
N ILE B 224 3.71 27.16 -5.19
CA ILE B 224 3.89 26.89 -3.78
C ILE B 224 2.65 26.15 -3.32
N LEU B 225 2.75 24.83 -3.13
CA LEU B 225 1.59 23.98 -2.98
C LEU B 225 1.26 23.85 -1.50
N ASN B 226 -0.03 23.90 -1.16
CA ASN B 226 -0.45 23.77 0.23
C ASN B 226 -0.26 22.37 0.80
N LEU B 227 0.01 21.38 -0.05
CA LEU B 227 0.14 19.97 0.31
C LEU B 227 -1.17 19.40 0.86
N TYR B 228 -2.19 20.26 0.93
CA TYR B 228 -3.52 19.89 1.37
C TYR B 228 -4.49 20.70 0.53
N SER B 229 -5.59 20.07 0.12
CA SER B 229 -6.61 20.68 -0.73
C SER B 229 -6.11 20.85 -2.17
N GLY B 230 -4.83 20.57 -2.40
CA GLY B 230 -4.25 20.69 -3.74
C GLY B 230 -4.27 22.10 -4.31
N LEU B 231 -4.21 23.11 -3.46
CA LEU B 231 -4.27 24.50 -3.89
C LEU B 231 -2.91 25.17 -3.72
N VAL B 232 -2.64 26.16 -4.56
CA VAL B 232 -1.35 26.84 -4.57
C VAL B 232 -1.54 28.31 -4.20
N LEU B 233 -0.43 29.04 -4.11
CA LEU B 233 -0.49 30.47 -3.81
C LEU B 233 -0.90 31.24 -5.06
N ASP B 234 -1.95 32.05 -4.92
CA ASP B 234 -2.50 32.80 -6.04
C ASP B 234 -2.65 34.26 -5.63
N VAL B 235 -2.33 35.16 -6.56
CA VAL B 235 -2.56 36.59 -6.37
C VAL B 235 -3.93 36.92 -6.95
N ARG B 236 -4.84 37.36 -6.08
CA ARG B 236 -6.26 37.44 -6.46
C ARG B 236 -6.45 38.40 -7.63
N ALA B 237 -6.96 37.86 -8.74
CA ALA B 237 -7.18 38.60 -9.98
C ALA B 237 -5.91 39.27 -10.49
N SER B 238 -4.75 38.73 -10.13
CA SER B 238 -3.45 39.23 -10.57
C SER B 238 -3.25 40.70 -10.22
N ASP B 239 -3.86 41.16 -9.13
CA ASP B 239 -3.82 42.56 -8.75
C ASP B 239 -3.07 42.72 -7.44
N PRO B 240 -1.80 43.13 -7.46
CA PRO B 240 -1.05 43.33 -6.20
C PRO B 240 -1.64 44.41 -5.32
N SER B 241 -2.22 45.47 -5.90
CA SER B 241 -2.74 46.56 -5.10
C SER B 241 -3.87 46.13 -4.19
N LEU B 242 -4.52 45.00 -4.50
CA LEU B 242 -5.52 44.46 -3.60
C LEU B 242 -4.91 43.91 -2.31
N LYS B 243 -3.61 43.60 -2.33
CA LYS B 243 -2.91 43.06 -1.17
C LYS B 243 -3.56 41.77 -0.69
N GLN B 244 -4.05 40.98 -1.65
CA GLN B 244 -4.75 39.73 -1.36
C GLN B 244 -3.99 38.58 -2.00
N ILE B 245 -3.36 37.77 -1.17
CA ILE B 245 -2.75 36.50 -1.59
C ILE B 245 -3.67 35.38 -1.13
N ILE B 246 -4.09 34.54 -2.08
CA ILE B 246 -5.19 33.61 -1.87
C ILE B 246 -4.75 32.20 -2.24
N LEU B 247 -5.62 31.25 -1.95
CA LEU B 247 -5.51 29.90 -2.47
C LEU B 247 -6.40 29.77 -3.71
N TYR B 248 -5.98 28.92 -4.63
CA TYR B 248 -6.71 28.74 -5.88
C TYR B 248 -6.15 27.51 -6.61
N PRO B 249 -6.98 26.79 -7.38
CA PRO B 249 -6.47 25.61 -8.09
C PRO B 249 -5.37 26.00 -9.08
N LEU B 250 -4.48 25.05 -9.32
CA LEU B 250 -3.33 25.29 -10.18
C LEU B 250 -3.78 25.64 -11.59
N HIS B 251 -3.38 26.81 -12.07
CA HIS B 251 -3.62 27.23 -13.45
C HIS B 251 -2.35 27.59 -14.19
N GLY B 252 -1.31 28.07 -13.50
CA GLY B 252 -0.02 28.29 -14.11
C GLY B 252 0.24 29.69 -14.63
N ASP B 253 -0.59 30.66 -14.29
CA ASP B 253 -0.36 32.04 -14.69
C ASP B 253 0.64 32.70 -13.75
N PRO B 254 1.24 33.84 -14.17
CA PRO B 254 2.23 34.51 -13.32
C PRO B 254 1.77 34.79 -11.89
N ASN B 255 0.45 34.84 -11.68
CA ASN B 255 -0.07 35.04 -10.33
C ASN B 255 0.07 33.81 -9.45
N GLN B 256 0.65 32.71 -9.96
CA GLN B 256 0.86 31.50 -9.18
C GLN B 256 2.29 31.01 -9.22
N ILE B 257 3.19 31.69 -9.93
CA ILE B 257 4.57 31.26 -10.10
C ILE B 257 5.45 32.06 -9.16
N TRP B 258 6.35 31.37 -8.44
CA TRP B 258 7.22 31.99 -7.45
C TRP B 258 8.64 31.50 -7.64
N LEU B 259 9.60 32.33 -7.21
CA LEU B 259 11.02 31.97 -7.25
C LEU B 259 11.66 32.47 -5.95
N PRO B 260 12.32 31.59 -5.19
CA PRO B 260 13.00 32.01 -3.95
C PRO B 260 14.38 32.57 -4.25
N LEU B 261 14.55 33.87 -4.00
CA LEU B 261 15.78 34.59 -4.31
C LEU B 261 16.55 34.83 -3.02
N PHE B 262 17.62 34.07 -2.83
CA PHE B 262 18.51 34.26 -1.69
C PHE B 262 19.76 35.02 -2.13
N GLU C 1 -13.13 -5.65 24.01
CA GLU C 1 -13.01 -7.10 23.92
C GLU C 1 -14.14 -7.76 23.14
N VAL C 2 -15.37 -7.29 23.42
CA VAL C 2 -16.53 -8.18 23.45
C VAL C 2 -16.77 -9.00 22.19
N GLN C 3 -17.09 -8.38 21.06
CA GLN C 3 -17.73 -9.20 20.04
C GLN C 3 -17.62 -8.61 18.64
N LEU C 4 -17.77 -9.51 17.66
CA LEU C 4 -17.99 -9.16 16.26
C LEU C 4 -19.08 -10.10 15.73
N GLN C 5 -19.98 -9.57 14.91
CA GLN C 5 -21.03 -10.38 14.29
C GLN C 5 -21.21 -9.99 12.83
N GLN C 6 -21.46 -10.97 11.98
CA GLN C 6 -21.53 -10.79 10.55
C GLN C 6 -22.96 -11.03 10.05
N SER C 7 -23.12 -10.93 8.73
CA SER C 7 -24.41 -11.15 8.09
C SER C 7 -24.64 -12.63 7.85
N GLY C 8 -25.89 -12.97 7.53
CA GLY C 8 -26.24 -14.34 7.22
C GLY C 8 -25.70 -14.75 5.87
N ALA C 9 -26.06 -15.97 5.48
CA ALA C 9 -25.57 -16.55 4.23
C ALA C 9 -26.04 -15.72 3.04
N GLU C 10 -25.36 -15.90 1.92
CA GLU C 10 -25.64 -15.14 0.71
C GLU C 10 -25.59 -16.04 -0.51
N LEU C 11 -26.52 -15.80 -1.44
CA LEU C 11 -26.52 -16.45 -2.75
C LEU C 11 -26.56 -15.36 -3.81
N MET C 12 -25.62 -15.42 -4.75
CA MET C 12 -25.50 -14.39 -5.77
C MET C 12 -25.46 -15.01 -7.17
N ASN C 13 -25.87 -14.20 -8.14
CA ASN C 13 -25.77 -14.60 -9.54
C ASN C 13 -24.32 -14.49 -10.00
N PRO C 14 -23.76 -15.54 -10.61
CA PRO C 14 -22.36 -15.48 -11.07
C PRO C 14 -22.08 -14.28 -11.96
N GLY C 15 -21.20 -13.40 -11.50
CA GLY C 15 -20.92 -12.15 -12.18
C GLY C 15 -21.49 -10.91 -11.51
N ALA C 16 -21.90 -10.99 -10.26
CA ALA C 16 -22.44 -9.87 -9.51
C ALA C 16 -21.57 -9.59 -8.28
N SER C 17 -22.05 -8.70 -7.41
CA SER C 17 -21.31 -8.31 -6.22
C SER C 17 -22.18 -8.52 -4.99
N VAL C 18 -21.53 -8.96 -3.90
CA VAL C 18 -22.18 -9.13 -2.60
C VAL C 18 -21.30 -8.47 -1.55
N LYS C 19 -21.93 -7.82 -0.58
CA LYS C 19 -21.22 -7.07 0.46
C LYS C 19 -21.49 -7.72 1.80
N ILE C 20 -20.51 -8.46 2.31
CA ILE C 20 -20.59 -9.04 3.65
C ILE C 20 -20.33 -7.94 4.68
N SER C 21 -20.95 -8.07 5.84
CA SER C 21 -20.80 -7.10 6.92
C SER C 21 -20.15 -7.75 8.14
N CYS C 22 -19.61 -6.91 9.01
CA CYS C 22 -18.99 -7.38 10.25
C CYS C 22 -19.28 -6.31 11.31
N LYS C 23 -20.26 -6.60 12.18
CA LYS C 23 -20.70 -5.65 13.19
C LYS C 23 -19.87 -5.80 14.45
N THR C 24 -19.12 -4.76 14.80
CA THR C 24 -18.21 -4.76 15.92
C THR C 24 -18.89 -4.13 17.14
N SER C 25 -18.54 -4.61 18.32
CA SER C 25 -19.09 -4.06 19.54
C SER C 25 -18.15 -4.38 20.71
N GLY C 26 -18.26 -3.57 21.75
CA GLY C 26 -17.56 -3.81 22.99
C GLY C 26 -16.16 -3.22 23.10
N TYR C 27 -15.61 -2.69 22.01
CA TYR C 27 -14.30 -2.07 22.03
C TYR C 27 -14.37 -0.73 21.30
N THR C 28 -13.38 0.13 21.57
CA THR C 28 -13.32 1.42 20.90
C THR C 28 -13.16 1.18 19.40
N PHE C 29 -14.22 1.46 18.64
CA PHE C 29 -14.35 0.93 17.28
C PHE C 29 -13.32 1.49 16.33
N SER C 30 -12.90 2.74 16.51
CA SER C 30 -12.09 3.42 15.50
C SER C 30 -10.62 3.01 15.52
N ARG C 31 -10.10 2.55 16.67
CA ARG C 31 -8.66 2.42 16.86
C ARG C 31 -8.14 1.00 16.63
N TYR C 32 -8.95 0.09 16.10
CA TYR C 32 -8.54 -1.28 15.90
C TYR C 32 -8.87 -1.74 14.49
N TRP C 33 -7.97 -2.54 13.90
CA TRP C 33 -8.15 -3.04 12.55
C TRP C 33 -9.15 -4.20 12.51
N ILE C 34 -9.75 -4.39 11.33
CA ILE C 34 -10.64 -5.51 11.06
C ILE C 34 -10.02 -6.34 9.95
N GLU C 35 -9.97 -7.65 10.15
CA GLU C 35 -9.35 -8.58 9.22
C GLU C 35 -10.41 -9.38 8.48
N TRP C 36 -9.96 -10.08 7.44
CA TRP C 36 -10.85 -10.89 6.62
C TRP C 36 -10.08 -12.13 6.16
N ILE C 37 -10.70 -13.30 6.29
CA ILE C 37 -10.07 -14.57 5.92
C ILE C 37 -11.09 -15.40 5.15
N ILE C 38 -10.68 -15.89 3.99
CA ILE C 38 -11.50 -16.79 3.18
C ILE C 38 -11.25 -18.22 3.63
N GLN C 39 -12.26 -19.08 3.46
CA GLN C 39 -12.09 -20.52 3.70
C GLN C 39 -13.00 -21.25 2.73
N ARG C 40 -12.42 -21.72 1.63
CA ARG C 40 -13.10 -22.59 0.68
C ARG C 40 -12.59 -24.02 0.81
N PRO C 41 -13.37 -25.01 0.39
CA PRO C 41 -13.01 -26.41 0.65
C PRO C 41 -11.62 -26.77 0.14
N GLY C 42 -10.88 -27.53 0.94
CA GLY C 42 -9.54 -27.95 0.60
C GLY C 42 -8.48 -26.87 0.66
N HIS C 43 -8.86 -25.60 0.63
CA HIS C 43 -7.90 -24.50 0.61
C HIS C 43 -7.50 -24.02 1.99
N GLY C 44 -8.10 -24.57 3.04
CA GLY C 44 -7.78 -24.14 4.39
C GLY C 44 -8.12 -22.67 4.58
N LEU C 45 -7.18 -21.92 5.15
CA LEU C 45 -7.35 -20.51 5.41
C LEU C 45 -6.37 -19.69 4.58
N GLU C 46 -6.79 -18.48 4.23
CA GLU C 46 -5.98 -17.56 3.45
C GLU C 46 -6.35 -16.14 3.82
N TRP C 47 -5.34 -15.30 4.05
CA TRP C 47 -5.58 -13.93 4.52
C TRP C 47 -6.00 -13.06 3.34
N ILE C 48 -7.16 -12.41 3.47
CA ILE C 48 -7.71 -11.59 2.40
C ILE C 48 -7.17 -10.16 2.50
N GLY C 49 -7.39 -9.52 3.63
CA GLY C 49 -6.94 -8.16 3.80
C GLY C 49 -7.46 -7.57 5.10
N GLU C 50 -7.13 -6.29 5.30
CA GLU C 50 -7.51 -5.58 6.50
C GLU C 50 -7.87 -4.14 6.17
N ILE C 51 -8.80 -3.58 6.95
CA ILE C 51 -9.19 -2.20 6.84
C ILE C 51 -9.22 -1.60 8.24
N LEU C 52 -8.72 -0.37 8.37
CA LEU C 52 -8.77 0.32 9.65
C LEU C 52 -9.91 1.30 9.63
N PRO C 53 -10.97 1.09 10.41
CA PRO C 53 -12.05 2.08 10.49
C PRO C 53 -11.54 3.37 11.12
N GLY C 54 -12.31 4.43 10.94
CA GLY C 54 -11.97 5.73 11.46
C GLY C 54 -10.97 6.52 10.64
N ASN C 55 -10.15 5.87 9.83
CA ASN C 55 -9.26 6.59 8.94
C ASN C 55 -9.14 5.95 7.56
N GLY C 56 -9.89 4.88 7.28
CA GLY C 56 -10.07 4.39 5.93
C GLY C 56 -8.83 3.88 5.22
N ASN C 57 -7.78 3.48 5.95
CA ASN C 57 -6.63 2.89 5.29
C ASN C 57 -6.82 1.39 5.11
N THR C 58 -6.05 0.81 4.21
CA THR C 58 -6.28 -0.56 3.76
C THR C 58 -4.95 -1.27 3.54
N ASN C 59 -5.03 -2.60 3.53
CA ASN C 59 -3.90 -3.45 3.17
C ASN C 59 -4.46 -4.74 2.60
N TYR C 60 -4.14 -5.02 1.35
CA TYR C 60 -4.74 -6.11 0.59
C TYR C 60 -3.72 -7.19 0.27
N ASN C 61 -4.13 -8.44 0.42
CA ASN C 61 -3.44 -9.53 -0.27
C ASN C 61 -3.61 -9.31 -1.77
N GLU C 62 -2.52 -9.54 -2.52
CA GLU C 62 -2.55 -9.18 -3.94
C GLU C 62 -3.44 -10.11 -4.75
N LYS C 63 -3.64 -11.35 -4.28
CA LYS C 63 -4.58 -12.24 -4.96
C LYS C 63 -6.01 -11.69 -4.91
N PHE C 64 -6.33 -10.93 -3.87
CA PHE C 64 -7.64 -10.31 -3.72
C PHE C 64 -7.64 -8.84 -4.11
N ARG C 65 -6.51 -8.33 -4.63
CA ARG C 65 -6.51 -7.01 -5.24
C ARG C 65 -7.44 -7.00 -6.44
N GLY C 66 -8.54 -6.27 -6.35
CA GLY C 66 -9.55 -6.23 -7.37
C GLY C 66 -10.77 -7.09 -7.08
N LYS C 67 -10.64 -8.10 -6.22
CA LYS C 67 -11.79 -8.89 -5.79
C LYS C 67 -12.46 -8.27 -4.57
N ALA C 68 -11.69 -7.88 -3.57
CA ALA C 68 -12.21 -7.37 -2.32
C ALA C 68 -12.26 -5.84 -2.34
N THR C 69 -13.15 -5.29 -1.51
CA THR C 69 -13.27 -3.84 -1.34
C THR C 69 -13.83 -3.61 0.06
N PHE C 70 -12.96 -3.25 0.99
CA PHE C 70 -13.36 -3.05 2.37
C PHE C 70 -13.93 -1.66 2.58
N THR C 71 -14.98 -1.57 3.39
CA THR C 71 -15.60 -0.30 3.78
C THR C 71 -16.03 -0.38 5.23
N ALA C 72 -16.00 0.77 5.90
CA ALA C 72 -16.38 0.85 7.31
C ALA C 72 -17.27 2.06 7.53
N ASP C 73 -18.41 1.84 8.16
CA ASP C 73 -19.35 2.90 8.49
C ASP C 73 -19.12 3.31 9.95
N SER C 74 -18.68 4.56 10.15
CA SER C 74 -18.39 5.03 11.50
C SER C 74 -19.66 5.22 12.33
N SER C 75 -20.82 5.29 11.70
CA SER C 75 -22.05 5.53 12.44
C SER C 75 -22.45 4.30 13.25
N SER C 76 -22.67 3.17 12.58
CA SER C 76 -23.24 1.98 13.19
C SER C 76 -22.17 0.97 13.62
N ASN C 77 -20.91 1.39 13.66
CA ASN C 77 -19.80 0.55 14.16
C ASN C 77 -19.76 -0.79 13.43
N THR C 78 -19.53 -0.73 12.12
CA THR C 78 -19.56 -1.91 11.27
C THR C 78 -18.45 -1.82 10.24
N VAL C 79 -18.12 -2.98 9.66
CA VAL C 79 -17.13 -3.07 8.59
C VAL C 79 -17.68 -3.99 7.51
N TYR C 80 -17.48 -3.61 6.25
CA TYR C 80 -18.03 -4.34 5.11
C TYR C 80 -16.92 -4.71 4.14
N MET C 81 -17.00 -5.92 3.60
CA MET C 81 -16.16 -6.36 2.48
C MET C 81 -17.05 -6.76 1.32
N GLN C 82 -16.64 -6.42 0.10
CA GLN C 82 -17.44 -6.67 -1.09
C GLN C 82 -16.59 -7.42 -2.11
N LEU C 83 -17.09 -8.58 -2.55
CA LEU C 83 -16.45 -9.36 -3.59
C LEU C 83 -17.15 -9.09 -4.92
N SER C 84 -16.38 -8.65 -5.92
CA SER C 84 -16.93 -8.30 -7.22
C SER C 84 -16.67 -9.40 -8.23
N SER C 85 -17.58 -9.53 -9.19
CA SER C 85 -17.47 -10.52 -10.27
C SER C 85 -17.26 -11.92 -9.70
N LEU C 86 -18.26 -12.39 -8.97
CA LEU C 86 -18.17 -13.66 -8.26
C LEU C 86 -18.28 -14.83 -9.23
N THR C 87 -17.22 -15.64 -9.30
CA THR C 87 -17.28 -16.92 -9.96
C THR C 87 -17.61 -17.99 -8.91
N SER C 88 -17.50 -19.26 -9.29
CA SER C 88 -17.69 -20.34 -8.32
C SER C 88 -16.49 -20.52 -7.40
N GLU C 89 -15.35 -19.93 -7.73
CA GLU C 89 -14.18 -19.99 -6.84
C GLU C 89 -14.34 -19.08 -5.63
N ASP C 90 -15.25 -18.11 -5.70
CA ASP C 90 -15.51 -17.21 -4.58
C ASP C 90 -16.54 -17.77 -3.61
N SER C 91 -17.05 -18.97 -3.86
CA SER C 91 -17.98 -19.62 -2.94
C SER C 91 -17.17 -20.18 -1.77
N ALA C 92 -17.33 -19.58 -0.60
CA ALA C 92 -16.53 -19.95 0.56
C ALA C 92 -17.17 -19.36 1.81
N VAL C 93 -16.58 -19.67 2.97
CA VAL C 93 -16.93 -19.07 4.24
C VAL C 93 -15.94 -17.95 4.51
N TYR C 94 -16.45 -16.74 4.71
CA TYR C 94 -15.62 -15.56 4.90
C TYR C 94 -15.70 -15.12 6.36
N TYR C 95 -14.55 -15.06 7.02
CA TYR C 95 -14.45 -14.68 8.42
C TYR C 95 -13.96 -13.24 8.56
N CYS C 96 -14.34 -12.59 9.66
CA CYS C 96 -13.75 -11.32 10.06
C CYS C 96 -13.22 -11.46 11.47
N ALA C 97 -12.10 -10.81 11.76
CA ALA C 97 -11.43 -10.96 13.04
C ALA C 97 -10.80 -9.63 13.43
N ARG C 98 -10.20 -9.60 14.61
CA ARG C 98 -9.53 -8.43 15.17
C ARG C 98 -8.16 -8.81 15.70
N PRO C 99 -7.26 -7.84 15.84
CA PRO C 99 -6.10 -8.03 16.71
C PRO C 99 -6.48 -7.94 18.18
N ARG C 100 -5.52 -8.23 19.06
CA ARG C 100 -5.80 -8.07 20.48
C ARG C 100 -5.53 -6.66 20.98
N ASP C 101 -4.49 -6.00 20.46
CA ASP C 101 -4.20 -4.64 20.88
C ASP C 101 -3.56 -3.89 19.71
N TYR C 102 -2.94 -2.75 20.01
CA TYR C 102 -2.41 -1.86 18.99
C TYR C 102 -1.24 -2.46 18.22
N GLY C 103 -0.76 -3.65 18.59
CA GLY C 103 0.43 -4.21 18.00
C GLY C 103 1.69 -3.73 18.69
N PHE C 104 2.83 -4.23 18.20
CA PHE C 104 2.94 -5.17 17.09
C PHE C 104 3.20 -6.59 17.58
N ASP C 105 3.58 -6.73 18.86
CA ASP C 105 3.69 -8.05 19.48
C ASP C 105 2.32 -8.61 19.82
N GLN C 106 1.37 -7.73 20.17
CA GLN C 106 -0.04 -8.03 20.01
C GLN C 106 -0.33 -7.87 18.51
N ALA C 107 -1.61 -7.77 18.15
CA ALA C 107 -2.04 -7.69 16.76
C ALA C 107 -1.87 -9.00 16.01
N TRP C 108 -1.77 -10.11 16.75
CA TRP C 108 -2.10 -11.41 16.19
C TRP C 108 -3.62 -11.60 16.24
N PHE C 109 -4.11 -12.61 15.53
CA PHE C 109 -5.55 -12.78 15.42
C PHE C 109 -6.17 -13.22 16.75
N ALA C 110 -7.21 -12.50 17.16
CA ALA C 110 -8.15 -12.94 18.18
C ALA C 110 -9.51 -12.36 17.81
N TYR C 111 -10.53 -12.74 18.57
CA TYR C 111 -11.87 -12.17 18.40
C TYR C 111 -12.37 -12.38 16.97
N TRP C 112 -12.59 -13.64 16.62
CA TRP C 112 -13.12 -13.96 15.31
C TRP C 112 -14.63 -13.72 15.25
N GLY C 113 -15.13 -13.65 14.02
CA GLY C 113 -16.56 -13.65 13.76
C GLY C 113 -17.03 -15.03 13.35
N GLN C 114 -18.33 -15.27 13.49
CA GLN C 114 -18.87 -16.60 13.26
C GLN C 114 -18.82 -17.02 11.79
N GLY C 115 -18.42 -16.13 10.89
CA GLY C 115 -18.26 -16.52 9.50
C GLY C 115 -19.55 -16.38 8.71
N THR C 116 -19.39 -16.15 7.41
CA THR C 116 -20.51 -16.00 6.50
C THR C 116 -20.26 -16.82 5.25
N LEU C 117 -21.26 -17.59 4.84
CA LEU C 117 -21.16 -18.43 3.66
C LEU C 117 -21.70 -17.69 2.45
N VAL C 118 -20.86 -17.54 1.42
CA VAL C 118 -21.28 -17.04 0.13
C VAL C 118 -21.36 -18.23 -0.82
N THR C 119 -22.53 -18.46 -1.41
CA THR C 119 -22.72 -19.50 -2.41
C THR C 119 -23.04 -18.83 -3.73
N VAL C 120 -22.20 -19.07 -4.73
CA VAL C 120 -22.39 -18.51 -6.06
C VAL C 120 -23.00 -19.60 -6.93
N SER C 121 -24.25 -19.39 -7.34
CA SER C 121 -24.97 -20.39 -8.10
C SER C 121 -26.10 -19.72 -8.87
N ALA C 122 -26.40 -20.27 -10.05
CA ALA C 122 -27.47 -19.72 -10.86
C ALA C 122 -28.85 -20.05 -10.29
N ALA C 123 -28.95 -21.14 -9.53
CA ALA C 123 -30.24 -21.60 -9.02
C ALA C 123 -30.79 -20.64 -7.98
N LYS C 124 -32.11 -20.68 -7.82
CA LYS C 124 -32.84 -19.83 -6.88
C LYS C 124 -33.28 -20.66 -5.68
N THR C 125 -33.66 -19.94 -4.61
CA THR C 125 -33.99 -20.56 -3.33
C THR C 125 -35.14 -21.56 -3.48
N THR C 126 -35.16 -22.54 -2.57
CA THR C 126 -36.22 -23.53 -2.48
C THR C 126 -36.35 -23.97 -1.02
N PRO C 127 -37.48 -23.70 -0.37
CA PRO C 127 -37.63 -24.09 1.03
C PRO C 127 -37.60 -25.60 1.17
N PRO C 128 -37.10 -26.10 2.30
CA PRO C 128 -36.89 -27.54 2.44
C PRO C 128 -38.16 -28.31 2.79
N SER C 129 -38.29 -29.48 2.19
CA SER C 129 -39.30 -30.45 2.59
C SER C 129 -38.67 -31.39 3.62
N VAL C 130 -39.20 -31.36 4.84
CA VAL C 130 -38.63 -32.12 5.95
C VAL C 130 -39.52 -33.33 6.20
N TYR C 131 -38.91 -34.52 6.15
CA TYR C 131 -39.61 -35.76 6.42
C TYR C 131 -39.08 -36.38 7.69
N PRO C 132 -39.94 -36.81 8.60
CA PRO C 132 -39.48 -37.52 9.79
C PRO C 132 -39.12 -38.96 9.44
N LEU C 133 -38.49 -39.65 10.38
CA LEU C 133 -38.28 -41.08 10.21
C LEU C 133 -38.26 -41.74 11.58
N ALA C 134 -39.37 -42.38 11.91
CA ALA C 134 -39.43 -43.34 13.00
C ALA C 134 -38.85 -44.66 12.50
N PRO C 135 -38.52 -45.59 13.40
CA PRO C 135 -38.04 -46.89 12.92
C PRO C 135 -39.05 -47.64 12.08
N GLY C 136 -40.33 -47.26 12.15
CA GLY C 136 -41.36 -48.10 11.59
C GLY C 136 -41.49 -49.33 12.48
N SER C 137 -42.18 -50.33 11.94
CA SER C 137 -42.30 -51.61 12.64
C SER C 137 -42.23 -52.73 11.60
N ALA C 138 -41.03 -53.30 11.38
CA ALA C 138 -39.65 -52.97 11.82
C ALA C 138 -39.52 -52.77 13.33
N ALA C 139 -39.70 -53.85 14.11
CA ALA C 139 -40.35 -53.77 15.42
C ALA C 139 -39.88 -52.59 16.28
N GLN C 140 -38.63 -52.53 16.77
CA GLN C 140 -37.59 -53.49 17.20
C GLN C 140 -37.02 -53.00 18.54
N THR C 141 -36.13 -53.79 19.13
CA THR C 141 -35.81 -53.69 20.54
C THR C 141 -34.53 -54.47 20.83
N ASN C 142 -33.70 -53.96 21.76
CA ASN C 142 -33.92 -52.69 22.44
C ASN C 142 -32.92 -51.53 22.41
N SER C 143 -31.75 -51.77 23.01
CA SER C 143 -31.30 -50.88 24.08
C SER C 143 -31.70 -49.42 23.89
N MET C 144 -31.31 -48.81 22.78
CA MET C 144 -31.61 -47.41 22.52
C MET C 144 -32.11 -47.27 21.09
N VAL C 145 -33.33 -46.79 20.93
CA VAL C 145 -33.95 -46.64 19.62
C VAL C 145 -33.46 -45.35 18.98
N THR C 146 -33.04 -45.44 17.71
CA THR C 146 -32.47 -44.32 16.99
C THR C 146 -33.44 -43.83 15.93
N LEU C 147 -33.37 -42.55 15.63
CA LEU C 147 -34.25 -41.95 14.63
C LEU C 147 -33.63 -40.63 14.18
N GLY C 148 -34.43 -39.78 13.55
CA GLY C 148 -33.93 -38.52 13.03
C GLY C 148 -34.87 -37.95 12.00
N CYS C 149 -34.35 -37.00 11.23
CA CYS C 149 -35.12 -36.30 10.21
C CYS C 149 -34.39 -36.31 8.88
N LEU C 150 -35.17 -36.16 7.81
CA LEU C 150 -34.65 -36.14 6.43
C LEU C 150 -35.01 -34.81 5.80
N VAL C 151 -34.03 -33.93 5.69
CA VAL C 151 -34.22 -32.59 5.12
C VAL C 151 -33.79 -32.69 3.66
N LYS C 152 -34.75 -33.00 2.79
CA LYS C 152 -34.49 -33.20 1.38
C LYS C 152 -35.14 -32.09 0.56
N GLY C 153 -34.43 -31.64 -0.48
CA GLY C 153 -34.99 -30.73 -1.44
C GLY C 153 -35.00 -29.27 -1.02
N TYR C 154 -33.82 -28.73 -0.71
CA TYR C 154 -33.69 -27.30 -0.42
C TYR C 154 -32.49 -26.75 -1.18
N PHE C 155 -32.38 -25.42 -1.18
CA PHE C 155 -31.26 -24.69 -1.77
C PHE C 155 -31.42 -23.23 -1.36
N PRO C 156 -30.35 -22.52 -0.98
CA PRO C 156 -28.94 -22.92 -0.86
C PRO C 156 -28.48 -23.53 0.47
N GLU C 157 -27.17 -23.47 0.67
CA GLU C 157 -26.44 -24.45 1.47
C GLU C 157 -26.82 -24.55 2.95
N PRO C 158 -26.92 -23.45 3.74
CA PRO C 158 -26.92 -23.63 5.20
C PRO C 158 -28.28 -23.98 5.80
N VAL C 159 -28.31 -25.05 6.62
CA VAL C 159 -29.48 -25.40 7.42
C VAL C 159 -29.00 -25.88 8.78
N THR C 160 -29.68 -25.41 9.83
CA THR C 160 -29.44 -25.88 11.19
C THR C 160 -30.62 -26.74 11.64
N VAL C 161 -30.31 -27.88 12.26
CA VAL C 161 -31.31 -28.88 12.62
C VAL C 161 -31.12 -29.26 14.08
N THR C 162 -32.22 -29.31 14.85
CA THR C 162 -32.16 -29.54 16.28
C THR C 162 -33.34 -30.40 16.76
N TRP C 163 -33.10 -31.15 17.83
CA TRP C 163 -34.13 -31.67 18.72
C TRP C 163 -33.80 -31.22 20.14
N ASN C 164 -34.80 -30.73 20.88
CA ASN C 164 -36.05 -30.09 20.48
C ASN C 164 -35.84 -28.65 20.85
N SER C 165 -35.60 -27.80 19.85
CA SER C 165 -35.14 -26.43 20.03
C SER C 165 -33.77 -26.37 20.71
N GLY C 166 -33.06 -27.50 20.77
CA GLY C 166 -31.72 -27.56 21.33
C GLY C 166 -31.57 -28.39 22.58
N SER C 167 -32.66 -28.91 23.14
CA SER C 167 -32.58 -29.60 24.42
C SER C 167 -31.98 -31.00 24.30
N LEU C 168 -32.01 -31.60 23.13
CA LEU C 168 -31.51 -32.96 22.91
C LEU C 168 -30.22 -32.86 22.12
N SER C 169 -29.10 -32.74 22.84
CA SER C 169 -27.79 -32.50 22.22
C SER C 169 -26.90 -33.74 22.20
N SER C 170 -27.00 -34.61 23.19
CA SER C 170 -26.17 -35.80 23.27
C SER C 170 -26.84 -36.93 22.48
N GLY C 171 -26.15 -37.38 21.42
CA GLY C 171 -26.64 -38.47 20.60
C GLY C 171 -27.06 -38.08 19.20
N VAL C 172 -26.88 -36.82 18.79
CA VAL C 172 -27.28 -36.34 17.48
C VAL C 172 -26.09 -36.40 16.54
N HIS C 173 -26.29 -36.98 15.36
CA HIS C 173 -25.32 -36.97 14.28
C HIS C 173 -26.00 -36.34 13.07
N THR C 174 -25.85 -35.03 12.92
CA THR C 174 -26.35 -34.33 11.74
C THR C 174 -25.29 -34.43 10.64
N PHE C 175 -25.63 -35.11 9.56
CA PHE C 175 -24.67 -35.40 8.52
C PHE C 175 -24.48 -34.22 7.57
N PRO C 176 -23.33 -34.12 6.93
CA PRO C 176 -23.13 -33.08 5.92
C PRO C 176 -24.13 -33.23 4.78
N ALA C 177 -24.54 -32.09 4.23
CA ALA C 177 -25.46 -32.10 3.11
C ALA C 177 -24.77 -32.63 1.86
N VAL C 178 -25.58 -32.97 0.87
CA VAL C 178 -25.09 -33.34 -0.46
C VAL C 178 -25.93 -32.61 -1.49
N LEU C 179 -25.26 -32.06 -2.51
CA LEU C 179 -25.98 -31.45 -3.62
C LEU C 179 -26.74 -32.54 -4.37
N GLN C 180 -28.07 -32.51 -4.27
CA GLN C 180 -28.93 -33.22 -5.20
C GLN C 180 -28.56 -32.72 -6.61
N SER C 181 -28.90 -33.49 -7.66
CA SER C 181 -28.44 -33.20 -9.02
C SER C 181 -28.38 -31.70 -9.30
N ASP C 182 -29.44 -30.97 -8.94
CA ASP C 182 -29.29 -29.55 -8.63
C ASP C 182 -30.36 -29.20 -7.60
N LEU C 183 -30.03 -29.45 -6.33
CA LEU C 183 -30.81 -29.20 -5.11
C LEU C 183 -29.93 -29.65 -3.94
N TYR C 184 -30.39 -29.48 -2.69
CA TYR C 184 -29.62 -29.94 -1.54
C TYR C 184 -30.47 -30.83 -0.65
N THR C 185 -29.85 -31.92 -0.16
CA THR C 185 -30.49 -32.86 0.75
C THR C 185 -29.51 -33.28 1.83
N LEU C 186 -30.06 -33.62 3.00
CA LEU C 186 -29.24 -34.16 4.09
C LEU C 186 -30.13 -34.91 5.07
N SER C 187 -29.48 -35.59 6.01
CA SER C 187 -30.14 -36.33 7.08
C SER C 187 -29.48 -35.99 8.40
N SER C 188 -30.19 -36.28 9.50
CA SER C 188 -29.67 -36.03 10.84
C SER C 188 -30.19 -37.11 11.77
N SER C 189 -29.28 -37.85 12.40
CA SER C 189 -29.64 -38.98 13.24
C SER C 189 -29.46 -38.62 14.71
N VAL C 190 -30.48 -38.90 15.51
CA VAL C 190 -30.40 -38.77 16.96
C VAL C 190 -30.85 -40.09 17.58
N THR C 191 -29.97 -40.70 18.37
CA THR C 191 -30.29 -41.88 19.14
C THR C 191 -30.67 -41.46 20.54
N VAL C 192 -31.68 -42.12 21.09
CA VAL C 192 -32.26 -41.76 22.39
C VAL C 192 -32.64 -43.08 23.02
N PRO C 193 -32.75 -43.19 24.36
CA PRO C 193 -33.14 -44.49 24.96
C PRO C 193 -34.49 -44.95 24.44
N SER C 194 -34.85 -46.20 24.73
CA SER C 194 -36.11 -46.75 24.24
C SER C 194 -37.28 -46.47 25.15
N SER C 195 -37.04 -46.24 26.45
CA SER C 195 -38.12 -45.81 27.34
C SER C 195 -38.70 -44.44 26.97
N PRO C 196 -37.90 -43.42 26.58
CA PRO C 196 -38.47 -42.16 26.07
C PRO C 196 -38.87 -42.26 24.60
N ARG C 197 -39.51 -43.37 24.22
CA ARG C 197 -40.01 -43.41 22.84
C ARG C 197 -41.38 -42.78 22.72
N PRO C 198 -42.45 -43.20 23.47
CA PRO C 198 -43.68 -42.39 23.40
C PRO C 198 -43.81 -41.39 24.53
N SER C 199 -43.04 -41.61 25.60
CA SER C 199 -43.15 -40.72 26.76
C SER C 199 -42.67 -39.33 26.42
N GLU C 200 -41.64 -39.24 25.60
CA GLU C 200 -41.05 -37.98 25.19
C GLU C 200 -41.47 -37.62 23.78
N THR C 201 -41.32 -36.36 23.44
CA THR C 201 -41.70 -35.82 22.13
C THR C 201 -40.41 -35.52 21.37
N VAL C 202 -40.13 -36.32 20.35
CA VAL C 202 -38.91 -36.15 19.54
C VAL C 202 -39.30 -35.24 18.37
N THR C 203 -39.19 -33.94 18.60
CA THR C 203 -39.50 -32.93 17.59
C THR C 203 -38.19 -32.39 17.01
N CYS C 204 -37.99 -32.58 15.70
CA CYS C 204 -36.83 -32.05 15.02
C CYS C 204 -37.17 -30.67 14.46
N ASN C 205 -36.30 -29.71 14.69
CA ASN C 205 -36.53 -28.32 14.31
C ASN C 205 -35.52 -27.96 13.22
N VAL C 206 -35.99 -27.93 11.98
CA VAL C 206 -35.15 -27.65 10.82
C VAL C 206 -35.37 -26.20 10.42
N ALA C 207 -34.30 -25.42 10.41
CA ALA C 207 -34.37 -24.00 10.09
C ALA C 207 -33.58 -23.72 8.82
N HIS C 208 -34.24 -23.08 7.85
CA HIS C 208 -33.58 -22.63 6.63
C HIS C 208 -33.59 -21.12 6.58
N PRO C 209 -32.45 -20.44 6.77
CA PRO C 209 -32.45 -18.98 6.80
C PRO C 209 -32.51 -18.36 5.41
N ALA C 210 -31.95 -19.07 4.43
CA ALA C 210 -31.91 -18.53 3.07
C ALA C 210 -33.29 -18.44 2.45
N SER C 211 -34.20 -19.34 2.81
CA SER C 211 -35.60 -19.23 2.43
C SER C 211 -36.45 -18.60 3.52
N SER C 212 -35.84 -18.22 4.65
CA SER C 212 -36.54 -17.64 5.80
C SER C 212 -37.62 -18.57 6.35
N THR C 213 -37.50 -19.86 6.08
CA THR C 213 -38.49 -20.86 6.45
C THR C 213 -37.94 -21.75 7.57
N LYS C 214 -38.83 -22.15 8.48
CA LYS C 214 -38.50 -23.03 9.59
C LYS C 214 -39.56 -24.11 9.71
N VAL C 215 -39.15 -25.32 10.06
CA VAL C 215 -40.06 -26.46 10.16
C VAL C 215 -39.70 -27.28 11.38
N ASP C 216 -40.64 -27.41 12.31
CA ASP C 216 -40.54 -28.36 13.42
C ASP C 216 -41.32 -29.62 13.05
N LYS C 217 -40.89 -30.76 13.57
CA LYS C 217 -41.43 -32.04 13.11
C LYS C 217 -41.40 -33.05 14.23
N LYS C 218 -42.58 -33.41 14.76
CA LYS C 218 -42.70 -34.52 15.69
C LYS C 218 -42.31 -35.82 14.99
N ILE C 219 -41.60 -36.68 15.71
CA ILE C 219 -41.28 -38.02 15.23
C ILE C 219 -42.22 -38.97 15.97
N VAL C 220 -43.38 -39.21 15.37
CA VAL C 220 -44.41 -40.06 15.96
C VAL C 220 -44.23 -41.46 15.40
N PRO C 221 -44.31 -42.51 16.22
CA PRO C 221 -43.99 -43.86 15.74
C PRO C 221 -44.94 -44.32 14.65
N ARG C 222 -44.36 -44.74 13.53
CA ARG C 222 -45.11 -45.42 12.48
C ARG C 222 -45.67 -46.75 12.98
N ASP C 223 -46.61 -47.30 12.22
CA ASP C 223 -46.94 -48.71 12.35
C ASP C 223 -46.05 -49.50 11.40
N ASP D 1 4.93 -10.74 0.74
CA ASP D 1 5.87 -11.47 -0.10
C ASP D 1 6.52 -12.61 0.69
N ILE D 2 5.85 -13.03 1.76
CA ILE D 2 6.44 -13.94 2.74
C ILE D 2 5.62 -15.23 2.72
N VAL D 3 6.07 -16.20 1.94
CA VAL D 3 5.38 -17.48 1.83
C VAL D 3 5.70 -18.34 3.05
N MET D 4 4.76 -19.20 3.41
CA MET D 4 4.90 -20.07 4.58
C MET D 4 4.42 -21.46 4.19
N THR D 5 5.36 -22.37 3.94
CA THR D 5 5.03 -23.75 3.59
C THR D 5 4.98 -24.60 4.86
N GLN D 6 3.82 -25.18 5.12
CA GLN D 6 3.58 -25.97 6.32
C GLN D 6 3.78 -27.46 6.01
N SER D 7 4.04 -28.23 7.07
CA SER D 7 4.28 -29.66 6.94
C SER D 7 3.85 -30.35 8.23
N PRO D 8 3.22 -31.53 8.13
CA PRO D 8 2.84 -32.24 6.90
C PRO D 8 1.47 -31.84 6.40
N SER D 9 1.06 -32.36 5.23
CA SER D 9 -0.27 -32.06 4.71
C SER D 9 -1.36 -32.59 5.64
N SER D 10 -1.14 -33.75 6.24
CA SER D 10 -2.05 -34.35 7.20
C SER D 10 -1.29 -35.46 7.92
N LEU D 11 -1.96 -36.08 8.90
CA LEU D 11 -1.32 -37.13 9.68
C LEU D 11 -2.37 -37.84 10.52
N SER D 12 -2.06 -39.10 10.86
CA SER D 12 -2.80 -39.86 11.85
C SER D 12 -1.88 -40.19 13.01
N ALA D 13 -2.45 -40.27 14.21
CA ALA D 13 -1.66 -40.52 15.41
C ALA D 13 -2.46 -41.35 16.40
N SER D 14 -1.79 -42.27 17.06
CA SER D 14 -2.43 -43.08 18.08
C SER D 14 -2.81 -42.23 19.29
N LEU D 15 -3.84 -42.68 20.02
CA LEU D 15 -4.29 -41.96 21.20
C LEU D 15 -3.15 -41.84 22.20
N GLY D 16 -2.97 -40.63 22.73
CA GLY D 16 -1.94 -40.35 23.70
C GLY D 16 -0.57 -40.07 23.11
N GLY D 17 -0.37 -40.34 21.82
CA GLY D 17 0.94 -40.15 21.22
C GLY D 17 1.20 -38.71 20.84
N LYS D 18 2.48 -38.33 20.91
CA LYS D 18 2.90 -36.99 20.53
C LYS D 18 2.84 -36.82 19.02
N VAL D 19 2.57 -35.59 18.59
CA VAL D 19 2.59 -35.22 17.18
C VAL D 19 3.42 -33.96 17.03
N THR D 20 3.88 -33.70 15.82
CA THR D 20 4.74 -32.55 15.54
C THR D 20 4.39 -31.97 14.17
N ILE D 21 4.08 -30.67 14.15
CA ILE D 21 3.84 -29.92 12.92
C ILE D 21 4.89 -28.84 12.80
N THR D 22 5.37 -28.58 11.59
CA THR D 22 6.41 -27.59 11.36
C THR D 22 5.99 -26.60 10.29
N CYS D 23 6.37 -25.34 10.48
CA CYS D 23 6.17 -24.28 9.52
C CYS D 23 7.52 -23.63 9.22
N LYS D 24 7.70 -23.21 7.97
CA LYS D 24 8.97 -22.61 7.54
C LYS D 24 8.67 -21.43 6.62
N ALA D 25 9.18 -20.27 6.98
CA ALA D 25 8.91 -19.04 6.25
C ALA D 25 10.01 -18.76 5.23
N SER D 26 9.65 -18.03 4.18
CA SER D 26 10.62 -17.67 3.13
C SER D 26 11.76 -16.84 3.70
N GLN D 27 11.49 -16.00 4.70
CA GLN D 27 12.50 -15.21 5.37
C GLN D 27 12.25 -15.30 6.87
N ASP D 28 12.93 -14.45 7.64
CA ASP D 28 12.80 -14.46 9.09
C ASP D 28 11.52 -13.73 9.50
N ILE D 29 10.72 -14.36 10.35
CA ILE D 29 9.57 -13.71 10.97
C ILE D 29 9.85 -13.28 12.40
N LYS D 30 11.09 -13.44 12.86
CA LYS D 30 11.55 -12.89 14.13
C LYS D 30 10.67 -13.34 15.29
N LYS D 31 10.39 -14.64 15.32
CA LYS D 31 9.62 -15.29 16.39
C LYS D 31 8.18 -14.80 16.47
N TYR D 32 7.65 -14.20 15.41
CA TYR D 32 6.27 -13.72 15.40
C TYR D 32 5.43 -14.74 14.62
N ILE D 33 4.90 -15.72 15.35
CA ILE D 33 4.11 -16.80 14.74
C ILE D 33 3.11 -17.29 15.77
N ALA D 34 1.93 -17.67 15.30
CA ALA D 34 0.86 -18.21 16.13
C ALA D 34 0.39 -19.54 15.57
N TRP D 35 -0.30 -20.31 16.40
CA TRP D 35 -0.84 -21.61 16.03
C TRP D 35 -2.34 -21.64 16.32
N PHE D 36 -3.09 -22.19 15.37
CA PHE D 36 -4.54 -22.09 15.38
C PHE D 36 -5.17 -23.47 15.21
N GLN D 37 -6.23 -23.72 15.98
CA GLN D 37 -6.94 -24.99 16.00
C GLN D 37 -8.33 -24.79 15.43
N HIS D 38 -8.58 -25.37 14.25
CA HIS D 38 -9.87 -25.25 13.57
C HIS D 38 -10.68 -26.51 13.85
N ARG D 39 -11.34 -26.52 15.01
CA ARG D 39 -12.19 -27.65 15.36
C ARG D 39 -13.38 -27.74 14.39
N PRO D 40 -13.75 -28.94 13.97
CA PRO D 40 -14.83 -29.07 12.98
C PRO D 40 -16.14 -28.50 13.51
N GLY D 41 -16.86 -27.80 12.65
CA GLY D 41 -18.09 -27.16 13.05
C GLY D 41 -17.92 -25.99 13.99
N LYS D 42 -16.69 -25.56 14.25
CA LYS D 42 -16.40 -24.44 15.12
C LYS D 42 -15.44 -23.49 14.42
N GLY D 43 -15.44 -22.23 14.84
CA GLY D 43 -14.55 -21.26 14.30
C GLY D 43 -13.12 -21.50 14.75
N PRO D 44 -12.20 -20.70 14.23
CA PRO D 44 -10.79 -20.84 14.62
C PRO D 44 -10.60 -20.56 16.11
N ARG D 45 -9.51 -21.11 16.64
CA ARG D 45 -9.17 -20.96 18.05
C ARG D 45 -7.67 -20.78 18.17
N LEU D 46 -7.24 -19.78 18.94
CA LEU D 46 -5.83 -19.52 19.13
C LEU D 46 -5.31 -20.33 20.31
N LEU D 47 -4.15 -20.97 20.12
CA LEU D 47 -3.51 -21.76 21.15
C LEU D 47 -2.21 -21.14 21.64
N ILE D 48 -1.33 -20.75 20.73
CA ILE D 48 -0.01 -20.22 21.06
C ILE D 48 0.17 -18.93 20.28
N HIS D 49 0.32 -17.80 20.98
CA HIS D 49 0.25 -16.48 20.36
C HIS D 49 1.59 -15.84 20.10
N TYR D 50 2.55 -15.94 21.03
CA TYR D 50 3.94 -15.72 20.71
C TYR D 50 4.58 -17.11 20.61
N THR D 51 5.70 -17.20 19.88
CA THR D 51 6.22 -18.46 19.37
C THR D 51 6.11 -19.62 20.35
N SER D 52 6.29 -19.34 21.64
CA SER D 52 6.15 -20.36 22.68
C SER D 52 5.06 -20.07 23.71
N THR D 53 4.64 -18.82 23.86
CA THR D 53 3.69 -18.48 24.92
C THR D 53 2.31 -19.05 24.61
N LEU D 54 1.76 -19.81 25.57
CA LEU D 54 0.49 -20.48 25.40
C LEU D 54 -0.67 -19.56 25.77
N GLN D 55 -1.74 -19.60 24.98
CA GLN D 55 -2.92 -18.84 25.32
C GLN D 55 -3.62 -19.46 26.53
N PRO D 56 -4.19 -18.66 27.42
CA PRO D 56 -4.86 -19.23 28.59
C PRO D 56 -6.00 -20.14 28.21
N GLY D 57 -6.26 -21.12 29.06
CA GLY D 57 -7.32 -22.08 28.81
C GLY D 57 -6.96 -23.16 27.82
N ILE D 58 -5.69 -23.26 27.43
CA ILE D 58 -5.21 -24.30 26.53
C ILE D 58 -4.45 -25.32 27.38
N PRO D 59 -4.67 -26.62 27.18
CA PRO D 59 -4.00 -27.61 28.03
C PRO D 59 -2.48 -27.52 27.93
N SER D 60 -1.81 -27.94 29.01
CA SER D 60 -0.36 -27.89 29.09
C SER D 60 0.33 -28.84 28.12
N ARG D 61 -0.42 -29.71 27.44
CA ARG D 61 0.16 -30.63 26.46
C ARG D 61 0.40 -30.01 25.10
N PHE D 62 -0.06 -28.78 24.87
CA PHE D 62 0.17 -28.09 23.62
C PHE D 62 1.42 -27.23 23.72
N SER D 63 2.37 -27.43 22.80
CA SER D 63 3.64 -26.75 22.85
C SER D 63 4.05 -26.29 21.46
N GLY D 64 4.95 -25.31 21.44
CA GLY D 64 5.50 -24.79 20.21
C GLY D 64 6.69 -23.90 20.45
N ASN D 65 7.60 -23.81 19.49
CA ASN D 65 8.80 -23.00 19.63
C ASN D 65 9.35 -22.73 18.23
N GLY D 66 10.51 -22.09 18.18
CA GLY D 66 11.15 -21.83 16.90
C GLY D 66 12.15 -20.70 17.02
N SER D 67 12.89 -20.51 15.93
CA SER D 67 13.91 -19.46 15.85
C SER D 67 14.03 -19.06 14.38
N GLY D 68 13.84 -17.78 14.10
CA GLY D 68 14.01 -17.31 12.74
C GLY D 68 12.93 -17.79 11.80
N ARG D 69 13.27 -18.77 10.94
CA ARG D 69 12.37 -19.27 9.92
C ARG D 69 11.77 -20.63 10.23
N ASP D 70 12.43 -21.43 11.08
CA ASP D 70 11.97 -22.77 11.40
C ASP D 70 11.13 -22.76 12.67
N TYR D 71 10.03 -23.52 12.66
CA TYR D 71 9.11 -23.50 13.79
C TYR D 71 8.52 -24.87 14.01
N SER D 72 8.29 -25.21 15.28
CA SER D 72 7.76 -26.49 15.70
C SER D 72 6.44 -26.29 16.44
N PHE D 73 5.69 -27.37 16.58
CA PHE D 73 4.39 -27.35 17.24
C PHE D 73 4.05 -28.78 17.62
N SER D 74 3.83 -29.03 18.91
CA SER D 74 3.76 -30.40 19.41
C SER D 74 2.62 -30.56 20.40
N ILE D 75 1.64 -31.39 20.04
CA ILE D 75 0.67 -31.91 21.00
C ILE D 75 1.20 -33.22 21.54
N SER D 76 1.20 -33.37 22.87
CA SER D 76 1.90 -34.47 23.51
C SER D 76 0.97 -35.59 23.97
N ASN D 77 -0.01 -35.27 24.80
CA ASN D 77 -0.92 -36.28 25.35
C ASN D 77 -2.22 -36.20 24.57
N LEU D 78 -2.22 -36.82 23.40
CA LEU D 78 -3.31 -36.66 22.45
C LEU D 78 -4.62 -37.21 23.02
N GLU D 79 -5.72 -36.56 22.64
CA GLU D 79 -7.04 -36.86 23.19
C GLU D 79 -8.06 -36.68 22.08
N PRO D 80 -9.21 -37.35 22.19
CA PRO D 80 -10.17 -37.36 21.07
C PRO D 80 -10.70 -35.99 20.68
N GLU D 81 -10.60 -34.99 21.55
CA GLU D 81 -11.06 -33.65 21.19
C GLU D 81 -10.07 -32.89 20.31
N ASP D 82 -8.82 -33.37 20.21
CA ASP D 82 -7.80 -32.65 19.45
C ASP D 82 -7.95 -32.81 17.94
N ILE D 83 -8.97 -33.54 17.47
CA ILE D 83 -9.24 -33.62 16.05
C ILE D 83 -9.57 -32.23 15.53
N ALA D 84 -8.78 -31.75 14.56
CA ALA D 84 -8.96 -30.43 13.96
C ALA D 84 -7.92 -30.28 12.87
N THR D 85 -8.03 -29.16 12.14
CA THR D 85 -7.02 -28.72 11.21
C THR D 85 -6.23 -27.60 11.87
N TYR D 86 -4.90 -27.70 11.84
CA TYR D 86 -4.03 -26.76 12.52
C TYR D 86 -3.23 -25.96 11.49
N TYR D 87 -3.14 -24.65 11.73
CA TYR D 87 -2.47 -23.74 10.82
C TYR D 87 -1.40 -22.96 11.56
N CYS D 88 -0.41 -22.50 10.81
CA CYS D 88 0.59 -21.55 11.31
C CYS D 88 0.32 -20.18 10.71
N LEU D 89 0.39 -19.14 11.54
CA LEU D 89 0.22 -17.78 11.08
C LEU D 89 1.36 -16.92 11.60
N GLN D 90 1.97 -16.15 10.72
CA GLN D 90 2.97 -15.16 11.10
C GLN D 90 2.37 -13.77 10.98
N TYR D 91 2.86 -12.86 11.82
CA TYR D 91 2.39 -11.48 11.82
C TYR D 91 3.55 -10.50 11.86
N ASP D 92 4.68 -10.87 11.25
CA ASP D 92 5.85 -10.01 11.16
C ASP D 92 5.78 -9.09 9.95
N ASN D 93 5.75 -9.66 8.75
CA ASN D 93 5.58 -8.85 7.54
C ASN D 93 4.12 -8.53 7.31
N LEU D 94 3.26 -9.54 7.43
CA LEU D 94 1.80 -9.45 7.32
C LEU D 94 1.25 -10.80 7.72
N TYR D 95 -0.05 -10.98 7.59
CA TYR D 95 -0.69 -12.23 7.97
C TYR D 95 -0.60 -13.21 6.80
N THR D 96 0.08 -14.33 7.03
CA THR D 96 0.23 -15.37 6.02
C THR D 96 0.02 -16.72 6.70
N PHE D 97 -0.94 -17.49 6.21
CA PHE D 97 -1.25 -18.79 6.78
C PHE D 97 -0.48 -19.90 6.08
N GLY D 98 -0.23 -20.98 6.81
CA GLY D 98 0.22 -22.21 6.21
C GLY D 98 -0.92 -22.96 5.56
N GLY D 99 -0.58 -24.07 4.92
CA GLY D 99 -1.59 -24.87 4.25
C GLY D 99 -2.53 -25.60 5.18
N GLY D 100 -2.20 -25.67 6.45
CA GLY D 100 -3.02 -26.43 7.39
C GLY D 100 -2.62 -27.89 7.46
N THR D 101 -2.88 -28.50 8.62
CA THR D 101 -2.58 -29.91 8.83
C THR D 101 -3.76 -30.55 9.52
N LYS D 102 -4.29 -31.63 8.93
CA LYS D 102 -5.50 -32.28 9.39
C LYS D 102 -5.13 -33.43 10.31
N LEU D 103 -5.64 -33.41 11.54
CA LEU D 103 -5.34 -34.41 12.54
C LEU D 103 -6.48 -35.41 12.64
N GLU D 104 -6.14 -36.70 12.50
CA GLU D 104 -7.08 -37.80 12.71
C GLU D 104 -6.56 -38.70 13.83
N ILE D 105 -7.49 -39.33 14.54
CA ILE D 105 -7.17 -40.16 15.69
C ILE D 105 -7.77 -41.55 15.47
N LYS D 106 -7.26 -42.52 16.21
CA LYS D 106 -7.52 -43.93 15.94
C LYS D 106 -8.27 -44.59 17.09
N ARG D 107 -8.99 -45.65 16.75
CA ARG D 107 -9.71 -46.50 17.68
C ARG D 107 -9.86 -47.88 17.02
N ALA D 108 -10.73 -48.71 17.57
CA ALA D 108 -11.13 -49.96 16.93
C ALA D 108 -12.57 -50.25 17.35
N ASP D 109 -13.50 -50.19 16.39
CA ASP D 109 -14.90 -50.38 16.70
C ASP D 109 -15.66 -50.75 15.43
N ALA D 110 -16.85 -51.32 15.62
CA ALA D 110 -17.72 -51.74 14.53
C ALA D 110 -18.97 -50.87 14.48
N ALA D 111 -19.62 -50.86 13.33
CA ALA D 111 -20.71 -49.92 13.06
C ALA D 111 -22.05 -50.49 13.52
N PRO D 112 -22.78 -49.81 14.38
CA PRO D 112 -24.22 -50.11 14.53
C PRO D 112 -25.01 -49.53 13.38
N THR D 113 -26.03 -50.27 12.95
CA THR D 113 -26.85 -49.89 11.81
C THR D 113 -28.17 -49.32 12.32
N VAL D 114 -29.03 -48.92 11.38
CA VAL D 114 -29.72 -47.64 11.49
C VAL D 114 -30.71 -47.61 12.67
N SER D 115 -31.70 -48.51 12.71
CA SER D 115 -32.24 -49.53 11.83
C SER D 115 -33.04 -48.85 10.72
N ILE D 116 -32.81 -49.33 9.49
CA ILE D 116 -33.18 -48.67 8.24
C ILE D 116 -34.59 -48.09 8.29
N PHE D 117 -34.74 -46.81 7.84
CA PHE D 117 -36.05 -46.17 7.90
C PHE D 117 -36.76 -46.23 6.55
N PRO D 118 -37.98 -46.75 6.51
CA PRO D 118 -38.80 -46.66 5.29
C PRO D 118 -39.22 -45.22 5.03
N PRO D 119 -39.65 -44.90 3.80
CA PRO D 119 -40.03 -43.53 3.50
C PRO D 119 -41.31 -43.11 4.22
N SER D 120 -41.40 -41.81 4.51
CA SER D 120 -42.49 -41.25 5.29
C SER D 120 -43.78 -41.18 4.48
N SER D 121 -44.89 -40.99 5.20
CA SER D 121 -46.19 -40.86 4.55
C SER D 121 -46.33 -39.53 3.82
N GLU D 122 -45.75 -38.45 4.37
CA GLU D 122 -45.80 -37.17 3.69
C GLU D 122 -45.10 -37.21 2.34
N GLN D 123 -43.95 -37.89 2.28
CA GLN D 123 -43.21 -37.99 1.02
C GLN D 123 -43.98 -38.84 0.01
N LEU D 124 -44.64 -39.90 0.46
CA LEU D 124 -45.31 -40.81 -0.46
C LEU D 124 -46.45 -40.13 -1.22
N THR D 125 -47.12 -39.16 -0.60
CA THR D 125 -48.12 -38.36 -1.28
C THR D 125 -47.52 -37.34 -2.24
N SER D 126 -46.20 -37.38 -2.44
CA SER D 126 -45.51 -36.45 -3.33
C SER D 126 -44.66 -37.16 -4.38
N GLY D 127 -44.94 -38.42 -4.67
CA GLY D 127 -44.27 -39.12 -5.76
C GLY D 127 -42.87 -39.61 -5.43
N GLY D 128 -42.28 -39.07 -4.37
CA GLY D 128 -40.94 -39.46 -3.98
C GLY D 128 -40.92 -40.66 -3.04
N ALA D 129 -39.75 -41.26 -2.91
CA ALA D 129 -39.56 -42.39 -2.00
C ALA D 129 -38.08 -42.49 -1.66
N SER D 130 -37.73 -42.18 -0.42
CA SER D 130 -36.33 -42.17 0.02
C SER D 130 -36.19 -43.04 1.26
N VAL D 131 -35.21 -43.93 1.24
CA VAL D 131 -34.95 -44.85 2.34
C VAL D 131 -33.56 -44.56 2.89
N VAL D 132 -33.49 -44.31 4.21
CA VAL D 132 -32.30 -43.78 4.86
C VAL D 132 -31.59 -44.89 5.62
N CYS D 133 -30.26 -44.91 5.53
CA CYS D 133 -29.43 -45.92 6.20
C CYS D 133 -28.21 -45.23 6.83
N PHE D 134 -28.29 -44.96 8.14
CA PHE D 134 -27.13 -44.46 8.88
C PHE D 134 -26.22 -45.62 9.27
N LEU D 135 -24.92 -45.46 8.99
CA LEU D 135 -23.87 -46.26 9.61
C LEU D 135 -23.18 -45.33 10.60
N ASN D 136 -23.16 -45.72 11.87
CA ASN D 136 -23.10 -44.75 12.96
C ASN D 136 -21.98 -45.10 13.92
N ASN D 137 -21.04 -44.17 14.13
CA ASN D 137 -20.03 -44.24 15.17
C ASN D 137 -19.16 -45.50 15.03
N PHE D 138 -18.39 -45.53 13.94
CA PHE D 138 -17.46 -46.61 13.66
C PHE D 138 -16.08 -46.05 13.37
N TYR D 139 -15.08 -46.94 13.45
CA TYR D 139 -13.73 -46.67 12.99
C TYR D 139 -13.04 -48.02 12.79
N PRO D 140 -12.39 -48.26 11.63
CA PRO D 140 -12.04 -47.35 10.53
C PRO D 140 -13.19 -46.68 9.80
N LYS D 141 -12.91 -45.53 9.18
CA LYS D 141 -13.88 -44.85 8.34
C LYS D 141 -14.07 -45.56 7.00
N ASP D 142 -13.06 -46.31 6.55
CA ASP D 142 -13.13 -47.00 5.27
C ASP D 142 -14.08 -48.20 5.36
N ILE D 143 -15.35 -48.00 5.02
CA ILE D 143 -16.35 -49.05 5.01
C ILE D 143 -17.17 -48.93 3.72
N ASN D 144 -17.92 -49.98 3.42
CA ASN D 144 -18.72 -50.05 2.20
C ASN D 144 -20.18 -50.32 2.53
N VAL D 145 -21.07 -49.88 1.64
CA VAL D 145 -22.51 -50.02 1.78
C VAL D 145 -23.07 -50.62 0.49
N LYS D 146 -24.16 -51.36 0.62
CA LYS D 146 -24.80 -51.94 -0.55
C LYS D 146 -26.32 -51.98 -0.31
N TRP D 147 -27.06 -52.06 -1.42
CA TRP D 147 -28.51 -52.14 -1.39
C TRP D 147 -28.97 -53.31 -2.24
N LYS D 148 -29.79 -54.18 -1.66
CA LYS D 148 -30.49 -55.22 -2.41
C LYS D 148 -31.98 -54.91 -2.37
N ILE D 149 -32.55 -54.55 -3.52
CA ILE D 149 -34.00 -54.41 -3.66
C ILE D 149 -34.52 -55.73 -4.22
N ASP D 150 -35.25 -56.47 -3.37
CA ASP D 150 -35.80 -57.77 -3.72
C ASP D 150 -34.75 -58.67 -4.40
N GLY D 151 -33.61 -58.81 -3.73
CA GLY D 151 -32.58 -59.78 -4.12
C GLY D 151 -31.55 -59.29 -5.09
N SER D 152 -31.98 -58.55 -6.12
CA SER D 152 -31.03 -57.94 -7.04
C SER D 152 -30.20 -56.90 -6.30
N GLU D 153 -29.20 -56.36 -7.00
CA GLU D 153 -28.24 -55.44 -6.41
C GLU D 153 -28.49 -54.05 -6.98
N ARG D 154 -29.06 -53.17 -6.15
CA ARG D 154 -29.43 -51.83 -6.59
C ARG D 154 -28.20 -50.92 -6.56
N GLN D 155 -27.87 -50.35 -7.72
CA GLN D 155 -26.66 -49.55 -7.87
C GLN D 155 -26.93 -48.06 -8.02
N ASN D 156 -27.78 -47.67 -8.97
CA ASN D 156 -27.96 -46.27 -9.30
C ASN D 156 -28.90 -45.57 -8.33
N GLY D 157 -28.74 -44.26 -8.21
CA GLY D 157 -29.66 -43.45 -7.43
C GLY D 157 -29.54 -43.58 -5.93
N VAL D 158 -28.34 -43.78 -5.41
CA VAL D 158 -28.10 -43.87 -3.98
C VAL D 158 -27.11 -42.79 -3.58
N LEU D 159 -27.38 -42.13 -2.46
CA LEU D 159 -26.57 -41.01 -1.98
C LEU D 159 -26.17 -41.25 -0.54
N ASN D 160 -24.99 -40.73 -0.16
CA ASN D 160 -24.51 -40.83 1.21
C ASN D 160 -23.44 -39.79 1.45
N SER D 161 -23.11 -39.61 2.74
CA SER D 161 -22.06 -38.68 3.16
C SER D 161 -21.47 -39.16 4.47
N TRP D 162 -20.27 -38.68 4.78
CA TRP D 162 -19.54 -39.05 5.98
C TRP D 162 -19.43 -37.85 6.91
N THR D 163 -19.56 -38.11 8.21
CA THR D 163 -19.38 -37.05 9.21
C THR D 163 -17.90 -36.79 9.44
N ASP D 164 -17.62 -35.58 9.94
CA ASP D 164 -16.30 -35.33 10.51
C ASP D 164 -16.06 -36.28 11.69
N GLN D 165 -14.80 -36.51 11.99
CA GLN D 165 -14.49 -37.35 13.14
C GLN D 165 -15.10 -36.76 14.40
N ASP D 166 -15.47 -37.62 15.34
CA ASP D 166 -16.19 -37.20 16.53
C ASP D 166 -15.20 -36.83 17.63
N SER D 167 -15.46 -35.70 18.28
CA SER D 167 -14.54 -35.19 19.31
C SER D 167 -14.61 -35.98 20.61
N LYS D 168 -15.60 -36.86 20.76
CA LYS D 168 -15.75 -37.65 21.99
C LYS D 168 -15.16 -39.04 21.85
N ASP D 169 -15.61 -39.81 20.85
CA ASP D 169 -15.21 -41.20 20.70
C ASP D 169 -14.27 -41.45 19.53
N SER D 170 -13.97 -40.44 18.73
CA SER D 170 -13.10 -40.59 17.56
C SER D 170 -13.63 -41.66 16.59
N THR D 171 -14.93 -41.62 16.34
CA THR D 171 -15.57 -42.56 15.43
C THR D 171 -16.36 -41.79 14.38
N TYR D 172 -16.34 -42.31 13.15
CA TYR D 172 -17.03 -41.68 12.03
C TYR D 172 -18.41 -42.30 11.84
N SER D 173 -19.26 -41.57 11.12
CA SER D 173 -20.60 -42.02 10.80
C SER D 173 -20.90 -41.80 9.32
N MET D 174 -21.80 -42.61 8.77
CA MET D 174 -22.15 -42.54 7.36
C MET D 174 -23.65 -42.71 7.21
N SER D 175 -24.25 -41.88 6.36
CA SER D 175 -25.71 -41.84 6.17
C SER D 175 -26.03 -42.11 4.71
N SER D 176 -26.43 -43.33 4.40
CA SER D 176 -26.74 -43.74 3.03
C SER D 176 -28.25 -43.63 2.79
N THR D 177 -28.62 -43.20 1.58
CA THR D 177 -30.01 -42.96 1.24
C THR D 177 -30.27 -43.39 -0.20
N LEU D 178 -31.22 -44.29 -0.39
CA LEU D 178 -31.61 -44.79 -1.70
C LEU D 178 -32.96 -44.17 -2.08
N THR D 179 -32.98 -43.45 -3.21
CA THR D 179 -34.15 -42.70 -3.64
C THR D 179 -34.68 -43.26 -4.95
N LEU D 180 -35.91 -43.74 -4.95
CA LEU D 180 -36.62 -44.18 -6.14
C LEU D 180 -37.91 -43.36 -6.27
N THR D 181 -38.73 -43.73 -7.26
CA THR D 181 -40.03 -43.10 -7.43
C THR D 181 -41.08 -43.82 -6.59
N LYS D 182 -42.17 -43.10 -6.28
CA LYS D 182 -43.29 -43.73 -5.61
C LYS D 182 -43.79 -44.95 -6.38
N ASP D 183 -43.72 -44.88 -7.71
CA ASP D 183 -43.99 -46.06 -8.52
C ASP D 183 -43.02 -47.18 -8.19
N GLU D 184 -41.72 -46.95 -8.46
CA GLU D 184 -40.71 -47.99 -8.29
C GLU D 184 -40.66 -48.49 -6.85
N TYR D 185 -40.91 -47.62 -5.87
CA TYR D 185 -40.88 -48.05 -4.48
C TYR D 185 -42.00 -49.05 -4.19
N GLU D 186 -43.20 -48.82 -4.71
CA GLU D 186 -44.32 -49.69 -4.41
C GLU D 186 -44.27 -51.01 -5.16
N ARG D 187 -43.44 -51.13 -6.19
CA ARG D 187 -43.33 -52.40 -6.93
C ARG D 187 -42.21 -53.27 -6.35
N HIS D 188 -42.18 -53.40 -5.03
CA HIS D 188 -41.18 -54.17 -4.27
C HIS D 188 -41.63 -54.17 -2.83
N ASN D 189 -41.13 -55.15 -2.06
CA ASN D 189 -41.47 -55.25 -0.65
C ASN D 189 -40.28 -55.36 0.29
N SER D 190 -39.07 -55.61 -0.22
CA SER D 190 -37.90 -55.83 0.62
C SER D 190 -36.77 -54.90 0.19
N TYR D 191 -36.40 -53.98 1.08
CA TYR D 191 -35.27 -53.07 0.86
C TYR D 191 -34.27 -53.31 1.98
N THR D 192 -33.08 -53.75 1.62
CA THR D 192 -32.07 -54.14 2.61
C THR D 192 -30.83 -53.27 2.46
N CYS D 193 -30.09 -53.13 3.56
CA CYS D 193 -28.91 -52.28 3.61
C CYS D 193 -27.75 -53.13 4.09
N GLU D 194 -26.76 -53.33 3.22
CA GLU D 194 -25.66 -54.26 3.46
C GLU D 194 -24.43 -53.47 3.89
N ALA D 195 -23.99 -53.66 5.13
CA ALA D 195 -22.87 -52.92 5.71
C ALA D 195 -21.68 -53.87 5.85
N THR D 196 -20.59 -53.56 5.16
CA THR D 196 -19.37 -54.36 5.19
C THR D 196 -18.22 -53.51 5.69
N HIS D 197 -17.51 -54.02 6.71
CA HIS D 197 -16.49 -53.28 7.43
C HIS D 197 -15.24 -54.14 7.55
N LYS D 198 -14.16 -53.54 8.05
CA LYS D 198 -12.99 -54.32 8.44
C LYS D 198 -13.27 -55.09 9.72
N THR D 199 -13.66 -54.38 10.78
CA THR D 199 -14.03 -55.00 12.06
C THR D 199 -15.46 -55.51 11.95
N SER D 200 -15.63 -56.52 11.10
CA SER D 200 -16.92 -57.19 10.97
C SER D 200 -16.64 -58.59 10.42
N THR D 201 -16.73 -59.60 11.30
CA THR D 201 -16.59 -60.98 10.84
C THR D 201 -17.60 -61.30 9.75
N SER D 202 -18.79 -60.73 9.83
CA SER D 202 -19.82 -60.83 8.82
C SER D 202 -20.45 -59.46 8.61
N PRO D 203 -21.00 -59.21 7.43
CA PRO D 203 -21.70 -57.93 7.21
C PRO D 203 -22.91 -57.80 8.12
N ILE D 204 -23.13 -56.59 8.63
CA ILE D 204 -24.33 -56.26 9.38
C ILE D 204 -25.39 -55.78 8.41
N VAL D 205 -26.62 -56.25 8.60
CA VAL D 205 -27.71 -56.00 7.65
C VAL D 205 -28.96 -55.62 8.41
N LYS D 206 -29.56 -54.49 8.04
CA LYS D 206 -30.87 -54.06 8.53
C LYS D 206 -31.78 -53.83 7.33
N SER D 207 -33.00 -54.35 7.40
CA SER D 207 -33.95 -54.25 6.29
C SER D 207 -35.34 -54.04 6.87
N PHE D 208 -36.34 -54.03 5.97
CA PHE D 208 -37.73 -53.84 6.39
C PHE D 208 -38.65 -54.40 5.31
N ASN D 209 -39.87 -54.72 5.72
CA ASN D 209 -40.94 -55.13 4.83
C ASN D 209 -41.99 -54.03 4.76
N ARG D 210 -42.46 -53.74 3.54
CA ARG D 210 -43.46 -52.70 3.37
C ARG D 210 -44.81 -53.13 3.94
#